data_2I5J
#
_entry.id   2I5J
#
_cell.length_a   224.815
_cell.length_b   68.896
_cell.length_c   104.662
_cell.angle_alpha   90.00
_cell.angle_beta   106.48
_cell.angle_gamma   90.00
#
_symmetry.space_group_name_H-M   'C 1 2 1'
#
loop_
_entity.id
_entity.type
_entity.pdbx_description
1 polymer 'Reverse transcriptase/ribonuclease H P66 subunit'
2 polymer 'Reverse transcriptase/ribonuclease H P51 subunit'
3 branched beta-D-fructofuranose-(2-1)-alpha-D-glucopyranose
4 non-polymer alpha-D-glucopyranose
5 non-polymer "(E)-3,4-DIHYDROXY-N'-[(2-METHOXYNAPHTHALEN-1-YL)METHYLENE]BENZOHYDRAZIDE"
6 non-polymer 'MAGNESIUM ION'
7 water water
#
loop_
_entity_poly.entity_id
_entity_poly.type
_entity_poly.pdbx_seq_one_letter_code
_entity_poly.pdbx_strand_id
1 'polypeptide(L)'
;PISPIETVPVKLKPGMDGPKVKQWPLTEEKIKALVEICTEMEKEGKISKIGPENPYNTPVFAIKKKDSTKWRKLVDFREL
NKRTQDFWEVQLGIPHPAGLKKKKSVTVLDVGDAYFSVPLDEDFRKYTAFTIPSINNETPGIRYQYNVLPQGWKGSPAIF
QSSMTKILEPFKKQNPDIVIYQYMDDLYVGSDLEIGQHRTKIEELRQHLLRWGLTTPDKKHQKEPPFLWMGYELHPDKWT
VQPIVLPEKDSWTVNDIQKLVGKLNWASQIYPGIKVRQLSKLLRGTKALTEVIPLTEEAELELAENREILKEPVHGVYYD
PSKDLIAEIQKQGQGQWTYQIYQEPFKNLKTGKYARMRGAHTNDVKQLTEAVQKITTESIVIWGKTPKFKLPIQKETWET
WWTEYWQATWIPEWEFVNTPPLVKLWYQLEKEPIVGAETFYVDGAANRETKLGKAGYVTNKGRQKVVPLTNTTNQKTELQ
AIYLALQDSGLEVNIVTDSQYALGIIQAQPDKSESELVNQIIEQLIKKEKVYLAWVPAHKGIGGNEQVDKLV
;
A
2 'polypeptide(L)'
;PISPIETVPVKLKPGMDGPKVKQWPLTEEKIKALVEICTEMEKEGKISKIGPENPYNTPVFAIKKKDSTKWRKLVDFREL
NKRTQDFWEVQLGIPHPAGLKKKKSVTVLDVGDAYFSVPLDEDFRKYTAFTIPSINNETPGIRYQYNVLPQGWKGSPAIF
QSSMTKILEPFKKQNPDIVIYQYMDDLYVGSDLEIGQHRTKIEELRQHLLRWGLTTPDKKHQKEPPFLWMGYELHPDKWT
VQPIVLPEKDSWTVNDIQKLVGKLNWASQIYPGIKVRQLSKLLRGTKALTEVIPLTEEAELELAENREILKEPVHGVYYD
PSKDLIAEIQKQGQGQWTYQIYQEPFKNLKTGKYARMRGAHTNDVKQLTEAVQKITTESIVIWGKTPKFKLPIQKETWET
WWTEYWQATWIPEWEFVNTPPLVKLWYQL
;
B
#
# COMPACT_ATOMS: atom_id res chain seq x y z
N PRO A 1 -23.55 -13.35 -34.78
CA PRO A 1 -22.30 -14.16 -34.84
C PRO A 1 -21.08 -13.29 -35.12
N ILE A 2 -20.85 -12.97 -36.38
CA ILE A 2 -19.74 -12.14 -36.82
C ILE A 2 -20.00 -10.67 -36.49
N SER A 3 -19.45 -10.22 -35.37
CA SER A 3 -19.62 -8.84 -34.91
C SER A 3 -18.86 -7.84 -35.77
N PRO A 4 -19.52 -6.71 -36.13
CA PRO A 4 -18.85 -5.69 -36.95
C PRO A 4 -18.00 -4.74 -36.12
N ILE A 5 -17.46 -5.26 -35.03
CA ILE A 5 -16.62 -4.47 -34.13
C ILE A 5 -15.26 -4.27 -34.78
N GLU A 6 -14.52 -3.28 -34.37
CA GLU A 6 -13.19 -3.12 -34.94
C GLU A 6 -12.34 -4.09 -34.13
N THR A 7 -11.14 -4.41 -34.63
CA THR A 7 -10.29 -5.36 -33.91
C THR A 7 -9.12 -4.80 -33.14
N VAL A 8 -8.75 -5.47 -32.06
CA VAL A 8 -7.62 -5.08 -31.23
C VAL A 8 -6.29 -5.65 -31.76
N PRO A 9 -5.43 -4.78 -32.29
CA PRO A 9 -4.13 -5.21 -32.82
C PRO A 9 -3.30 -6.04 -31.84
N VAL A 10 -3.06 -7.32 -32.21
CA VAL A 10 -2.29 -8.21 -31.36
C VAL A 10 -1.00 -8.69 -32.00
N LYS A 11 0.00 -9.02 -31.18
CA LYS A 11 1.30 -9.51 -31.62
C LYS A 11 1.93 -10.54 -30.68
N LEU A 12 3.22 -10.77 -30.85
CA LEU A 12 3.92 -11.73 -30.01
C LEU A 12 5.18 -11.09 -29.46
N LYS A 13 5.68 -11.62 -28.35
CA LYS A 13 6.89 -11.09 -27.74
C LYS A 13 7.95 -10.95 -28.83
N PRO A 14 8.71 -9.85 -28.81
CA PRO A 14 9.77 -9.52 -29.79
C PRO A 14 10.82 -10.59 -30.10
N GLY A 15 10.75 -11.12 -31.31
CA GLY A 15 11.71 -12.13 -31.70
C GLY A 15 11.15 -13.55 -31.65
N MET A 16 9.84 -13.67 -31.62
CA MET A 16 9.23 -14.98 -31.60
C MET A 16 8.38 -15.18 -32.87
N ASP A 17 7.96 -16.42 -33.11
CA ASP A 17 7.13 -16.68 -34.29
C ASP A 17 6.03 -17.66 -33.87
N GLY A 18 5.07 -17.90 -34.78
CA GLY A 18 4.00 -18.83 -34.45
C GLY A 18 4.47 -20.20 -33.97
N PRO A 19 3.62 -20.92 -33.21
CA PRO A 19 3.96 -22.25 -32.69
C PRO A 19 3.79 -23.31 -33.77
N LYS A 20 4.85 -24.04 -34.10
CA LYS A 20 4.78 -25.04 -35.14
C LYS A 20 4.67 -26.48 -34.61
N VAL A 21 3.74 -26.67 -33.67
CA VAL A 21 3.47 -27.97 -33.06
C VAL A 21 2.63 -28.85 -33.99
N LYS A 22 2.80 -30.17 -33.92
CA LYS A 22 2.03 -31.03 -34.80
C LYS A 22 1.05 -32.01 -34.18
N GLN A 23 0.17 -32.52 -35.04
CA GLN A 23 -0.88 -33.42 -34.66
C GLN A 23 -0.56 -34.89 -34.68
N TRP A 24 -0.75 -35.50 -33.54
CA TRP A 24 -0.57 -36.92 -33.35
C TRP A 24 -1.81 -37.42 -34.11
N PRO A 25 -1.62 -37.84 -35.36
CA PRO A 25 -2.71 -38.41 -36.14
C PRO A 25 -3.42 -39.54 -35.40
N LEU A 26 -4.71 -39.37 -35.15
CA LEU A 26 -5.32 -39.85 -33.91
C LEU A 26 -6.30 -40.99 -34.17
N THR A 27 -7.43 -40.65 -34.77
CA THR A 27 -8.56 -41.58 -34.87
C THR A 27 -9.30 -41.40 -36.18
N GLU A 28 -10.58 -41.77 -36.18
CA GLU A 28 -11.53 -41.28 -37.18
C GLU A 28 -12.93 -41.16 -36.60
N GLU A 29 -13.12 -41.75 -35.41
CA GLU A 29 -14.31 -41.47 -34.62
C GLU A 29 -14.29 -40.00 -34.25
N LYS A 30 -13.08 -39.40 -34.45
CA LYS A 30 -12.80 -37.97 -34.15
C LYS A 30 -12.17 -37.19 -35.28
N ILE A 31 -11.46 -37.85 -36.17
CA ILE A 31 -11.00 -37.09 -37.30
C ILE A 31 -12.25 -36.99 -38.18
N LYS A 32 -13.41 -37.04 -37.54
CA LYS A 32 -14.67 -36.99 -38.27
C LYS A 32 -15.41 -35.86 -37.57
N ALA A 33 -15.63 -36.01 -36.27
CA ALA A 33 -16.34 -35.00 -35.51
C ALA A 33 -15.72 -33.67 -35.83
N LEU A 34 -14.39 -33.66 -35.96
CA LEU A 34 -13.66 -32.43 -36.26
C LEU A 34 -14.07 -31.81 -37.57
N VAL A 35 -14.06 -32.63 -38.63
CA VAL A 35 -14.43 -32.17 -39.96
C VAL A 35 -15.89 -31.76 -39.97
N GLU A 36 -16.71 -32.44 -39.17
CA GLU A 36 -18.13 -32.07 -39.08
C GLU A 36 -18.24 -30.68 -38.46
N ILE A 37 -17.63 -30.56 -37.27
CA ILE A 37 -17.61 -29.32 -36.51
C ILE A 37 -16.97 -28.18 -37.31
N CYS A 38 -15.67 -28.29 -37.59
CA CYS A 38 -14.97 -27.26 -38.34
C CYS A 38 -15.76 -26.75 -39.52
N THR A 39 -16.29 -27.66 -40.32
CA THR A 39 -17.04 -27.25 -41.49
C THR A 39 -18.27 -26.48 -41.11
N GLU A 40 -18.82 -26.79 -39.93
CA GLU A 40 -20.00 -26.09 -39.50
C GLU A 40 -19.61 -24.70 -38.99
N MET A 41 -18.42 -24.61 -38.42
CA MET A 41 -17.93 -23.31 -37.95
C MET A 41 -17.58 -22.52 -39.20
N GLU A 42 -16.85 -23.18 -40.09
CA GLU A 42 -16.43 -22.59 -41.34
C GLU A 42 -17.56 -21.85 -42.02
N LYS A 43 -18.79 -22.35 -41.86
CA LYS A 43 -19.97 -21.70 -42.48
C LYS A 43 -20.24 -20.40 -41.76
N GLU A 44 -20.32 -20.51 -40.44
CA GLU A 44 -20.60 -19.41 -39.55
C GLU A 44 -19.48 -18.37 -39.51
N GLY A 45 -18.43 -18.60 -40.28
CA GLY A 45 -17.33 -17.64 -40.34
C GLY A 45 -16.28 -17.74 -39.24
N LYS A 46 -16.63 -18.39 -38.14
CA LYS A 46 -15.69 -18.53 -37.03
C LYS A 46 -14.31 -18.91 -37.52
N ILE A 47 -14.25 -19.63 -38.64
CA ILE A 47 -13.00 -20.07 -39.23
C ILE A 47 -13.01 -20.06 -40.74
N SER A 48 -11.83 -20.23 -41.32
CA SER A 48 -11.69 -20.23 -42.76
C SER A 48 -10.53 -21.13 -43.12
N LYS A 49 -10.75 -22.00 -44.11
CA LYS A 49 -9.70 -22.92 -44.54
C LYS A 49 -8.52 -22.11 -45.06
N ILE A 50 -7.34 -22.43 -44.61
CA ILE A 50 -6.17 -21.70 -45.04
C ILE A 50 -5.36 -22.43 -46.08
N GLY A 51 -4.73 -21.60 -46.92
CA GLY A 51 -3.89 -22.09 -48.00
C GLY A 51 -2.77 -23.07 -47.66
N PRO A 52 -1.94 -23.39 -48.67
CA PRO A 52 -0.81 -24.31 -48.57
C PRO A 52 0.40 -23.58 -48.02
N GLU A 53 0.17 -22.67 -47.10
CA GLU A 53 1.31 -21.92 -46.64
C GLU A 53 2.12 -22.39 -45.47
N ASN A 54 2.95 -21.44 -45.07
CA ASN A 54 3.92 -21.43 -43.98
C ASN A 54 3.33 -21.57 -42.59
N PRO A 55 2.01 -21.30 -42.44
CA PRO A 55 1.47 -21.42 -41.10
C PRO A 55 1.83 -22.65 -40.29
N TYR A 56 2.18 -22.34 -39.06
CA TYR A 56 2.54 -23.23 -38.00
C TYR A 56 1.22 -23.95 -37.71
N ASN A 57 1.26 -24.98 -36.87
CA ASN A 57 0.05 -25.72 -36.52
C ASN A 57 -0.13 -25.78 -35.01
N THR A 58 -1.29 -26.26 -34.56
CA THR A 58 -1.61 -26.43 -33.15
C THR A 58 -2.48 -27.68 -32.97
N PRO A 59 -2.22 -28.48 -31.93
CA PRO A 59 -3.00 -29.68 -31.67
C PRO A 59 -4.52 -29.44 -31.51
N VAL A 60 -5.33 -30.37 -32.01
CA VAL A 60 -6.78 -30.23 -32.00
C VAL A 60 -7.42 -31.48 -31.49
N PHE A 61 -7.28 -31.70 -30.21
CA PHE A 61 -7.85 -32.86 -29.57
C PHE A 61 -9.34 -32.64 -29.54
N ALA A 62 -10.04 -33.69 -29.12
CA ALA A 62 -11.48 -33.68 -29.02
C ALA A 62 -11.81 -34.55 -27.83
N ILE A 63 -13.01 -34.34 -27.30
CA ILE A 63 -13.49 -35.05 -26.13
C ILE A 63 -15.02 -35.06 -26.24
N LYS A 64 -15.65 -35.90 -25.42
CA LYS A 64 -17.08 -36.06 -25.42
C LYS A 64 -17.70 -35.75 -24.06
N LYS A 65 -18.80 -35.01 -24.08
CA LYS A 65 -19.55 -34.64 -22.87
C LYS A 65 -20.35 -35.84 -22.38
N LYS A 66 -21.23 -35.61 -21.39
CA LYS A 66 -22.03 -36.71 -20.87
C LYS A 66 -23.52 -36.54 -21.13
N ASP A 67 -23.97 -35.31 -21.39
CA ASP A 67 -25.33 -35.25 -21.87
C ASP A 67 -24.83 -35.59 -23.28
N SER A 68 -25.71 -36.25 -24.03
CA SER A 68 -25.47 -36.86 -25.32
C SER A 68 -25.29 -36.44 -26.77
N THR A 69 -25.43 -35.20 -27.23
CA THR A 69 -25.34 -35.18 -28.69
C THR A 69 -24.01 -35.42 -29.40
N LYS A 70 -22.97 -34.72 -29.01
CA LYS A 70 -21.71 -34.93 -29.70
C LYS A 70 -20.50 -34.32 -29.01
N TRP A 71 -19.37 -34.47 -29.70
CA TRP A 71 -18.06 -34.01 -29.25
C TRP A 71 -17.71 -32.55 -29.43
N ARG A 72 -16.70 -32.18 -28.65
CA ARG A 72 -16.15 -30.84 -28.66
C ARG A 72 -14.70 -30.88 -29.15
N LYS A 73 -14.42 -30.03 -30.14
CA LYS A 73 -13.08 -29.87 -30.70
C LYS A 73 -12.45 -28.91 -29.70
N LEU A 74 -11.33 -29.27 -29.11
CA LEU A 74 -10.72 -28.39 -28.12
C LEU A 74 -9.31 -28.15 -28.54
N VAL A 75 -9.03 -27.09 -29.28
CA VAL A 75 -7.63 -26.80 -29.67
C VAL A 75 -6.80 -26.38 -28.43
N ASP A 76 -5.56 -26.85 -28.27
CA ASP A 76 -4.70 -26.52 -27.11
C ASP A 76 -3.54 -25.54 -27.39
N PHE A 77 -3.86 -24.24 -27.45
CA PHE A 77 -2.90 -23.16 -27.77
C PHE A 77 -1.73 -22.88 -26.81
N ARG A 78 -1.62 -23.65 -25.74
CA ARG A 78 -0.57 -23.48 -24.75
C ARG A 78 0.74 -22.93 -25.32
N GLU A 79 1.11 -23.36 -26.51
CA GLU A 79 2.36 -22.88 -27.10
C GLU A 79 2.22 -21.62 -27.93
N LEU A 80 0.98 -21.18 -28.14
CA LEU A 80 0.70 -19.95 -28.91
C LEU A 80 0.69 -18.78 -27.92
N ASN A 81 0.14 -19.06 -26.74
CA ASN A 81 0.06 -18.07 -25.70
C ASN A 81 1.46 -17.69 -25.29
N LYS A 82 2.28 -18.68 -24.96
CA LYS A 82 3.64 -18.43 -24.54
C LYS A 82 4.29 -17.37 -25.45
N ARG A 83 3.88 -17.36 -26.70
CA ARG A 83 4.44 -16.42 -27.65
C ARG A 83 3.68 -15.12 -27.82
N THR A 84 2.43 -15.12 -27.36
CA THR A 84 1.55 -13.94 -27.45
C THR A 84 1.87 -12.82 -26.46
N GLN A 85 1.94 -11.58 -26.97
CA GLN A 85 2.23 -10.38 -26.18
C GLN A 85 1.33 -10.30 -24.93
N ASP A 86 1.75 -9.57 -23.90
CA ASP A 86 0.93 -9.49 -22.71
C ASP A 86 -0.24 -8.58 -22.96
N PHE A 87 -1.20 -8.61 -22.05
CA PHE A 87 -2.38 -7.76 -22.20
C PHE A 87 -2.70 -6.98 -20.96
N TRP A 88 -3.57 -5.97 -21.07
CA TRP A 88 -3.96 -5.17 -19.92
C TRP A 88 -4.78 -6.14 -19.08
N GLU A 89 -4.17 -6.67 -18.03
CA GLU A 89 -4.85 -7.67 -17.22
C GLU A 89 -6.20 -7.19 -16.73
N VAL A 90 -7.26 -7.90 -17.16
CA VAL A 90 -8.64 -7.56 -16.86
C VAL A 90 -8.87 -7.42 -15.35
N GLN A 91 -10.12 -7.15 -14.96
CA GLN A 91 -10.52 -7.07 -13.56
C GLN A 91 -10.08 -8.38 -12.90
N LEU A 92 -9.09 -8.23 -12.05
CA LEU A 92 -8.60 -9.37 -11.30
C LEU A 92 -9.45 -9.48 -10.05
N GLY A 93 -10.20 -8.43 -9.75
CA GLY A 93 -11.07 -8.41 -8.59
C GLY A 93 -12.50 -8.79 -8.92
N ILE A 94 -13.28 -9.09 -7.89
CA ILE A 94 -14.67 -9.45 -8.07
C ILE A 94 -15.56 -8.40 -7.41
N PRO A 95 -16.55 -7.89 -8.15
CA PRO A 95 -17.42 -6.88 -7.56
C PRO A 95 -18.29 -7.42 -6.43
N HIS A 96 -17.80 -7.28 -5.20
CA HIS A 96 -18.53 -7.72 -4.01
C HIS A 96 -19.97 -7.14 -3.97
N PRO A 97 -20.96 -8.03 -3.79
CA PRO A 97 -22.40 -7.71 -3.75
C PRO A 97 -22.90 -6.68 -2.75
N ALA A 98 -22.30 -6.62 -1.56
CA ALA A 98 -22.82 -5.68 -0.55
C ALA A 98 -22.84 -4.21 -1.02
N GLY A 99 -22.27 -3.96 -2.22
CA GLY A 99 -22.18 -2.62 -2.77
C GLY A 99 -22.77 -2.42 -4.16
N LEU A 100 -23.77 -3.17 -4.54
CA LEU A 100 -24.42 -2.92 -5.82
C LEU A 100 -25.66 -2.20 -5.39
N LYS A 101 -25.92 -1.02 -5.89
CA LYS A 101 -27.08 -0.24 -5.39
C LYS A 101 -28.42 -0.97 -5.53
N LYS A 102 -29.23 -1.07 -4.49
CA LYS A 102 -30.49 -1.78 -4.66
C LYS A 102 -31.28 -1.29 -5.88
N LYS A 103 -32.10 -2.17 -6.46
CA LYS A 103 -32.92 -1.77 -7.60
C LYS A 103 -34.26 -2.51 -7.54
N LYS A 104 -35.29 -2.02 -8.23
CA LYS A 104 -36.58 -2.70 -8.17
C LYS A 104 -36.53 -4.12 -8.67
N SER A 105 -36.34 -4.31 -9.96
CA SER A 105 -36.33 -5.67 -10.47
C SER A 105 -35.35 -5.89 -11.60
N VAL A 106 -34.19 -6.38 -11.18
CA VAL A 106 -33.05 -6.67 -12.02
C VAL A 106 -33.20 -7.81 -12.99
N THR A 107 -32.32 -7.76 -13.98
CA THR A 107 -32.31 -8.76 -15.01
C THR A 107 -30.90 -9.26 -15.08
N VAL A 108 -30.67 -10.17 -16.01
CA VAL A 108 -29.36 -10.71 -16.21
C VAL A 108 -29.36 -11.23 -17.62
N LEU A 109 -28.16 -11.26 -18.20
CA LEU A 109 -28.03 -11.74 -19.55
C LEU A 109 -26.84 -12.67 -19.63
N ASP A 110 -26.94 -13.63 -20.53
CA ASP A 110 -25.88 -14.59 -20.72
C ASP A 110 -25.41 -14.59 -22.16
N VAL A 111 -24.42 -13.75 -22.45
CA VAL A 111 -23.86 -13.66 -23.79
C VAL A 111 -23.54 -15.07 -24.29
N GLY A 112 -23.79 -15.32 -25.58
CA GLY A 112 -23.55 -16.63 -26.16
C GLY A 112 -22.10 -16.97 -26.44
N ASP A 113 -21.81 -17.37 -27.67
CA ASP A 113 -20.43 -17.72 -28.02
C ASP A 113 -19.70 -16.40 -28.05
N ALA A 114 -19.63 -15.79 -26.88
CA ALA A 114 -18.96 -14.50 -26.74
C ALA A 114 -17.68 -14.50 -27.55
N TYR A 115 -16.68 -15.19 -27.02
CA TYR A 115 -15.38 -15.29 -27.65
C TYR A 115 -15.43 -15.45 -29.16
N PHE A 116 -16.37 -16.29 -29.64
CA PHE A 116 -16.50 -16.54 -31.07
C PHE A 116 -17.24 -15.47 -31.88
N SER A 117 -17.74 -14.43 -31.23
CA SER A 117 -18.46 -13.39 -31.96
C SER A 117 -17.66 -12.12 -32.13
N VAL A 118 -16.43 -12.14 -31.64
CA VAL A 118 -15.56 -10.99 -31.76
C VAL A 118 -14.47 -11.30 -32.77
N PRO A 119 -14.37 -10.49 -33.81
CA PRO A 119 -13.38 -10.66 -34.88
C PRO A 119 -11.99 -10.61 -34.31
N LEU A 120 -11.05 -11.35 -34.93
CA LEU A 120 -9.67 -11.41 -34.45
C LEU A 120 -8.79 -10.56 -35.34
N ASP A 121 -7.65 -10.12 -34.80
CA ASP A 121 -6.76 -9.25 -35.56
C ASP A 121 -6.44 -9.89 -36.89
N GLU A 122 -6.94 -9.27 -37.96
CA GLU A 122 -6.78 -9.77 -39.30
C GLU A 122 -5.36 -10.23 -39.63
N ASP A 123 -4.40 -9.86 -38.78
CA ASP A 123 -2.99 -10.20 -38.98
C ASP A 123 -2.43 -11.22 -37.99
N PHE A 124 -3.16 -11.51 -36.94
CA PHE A 124 -2.69 -12.44 -35.94
C PHE A 124 -3.50 -13.70 -36.11
N ARG A 125 -4.22 -13.77 -37.23
CA ARG A 125 -5.04 -14.94 -37.51
C ARG A 125 -4.17 -16.12 -37.96
N LYS A 126 -3.15 -15.81 -38.74
CA LYS A 126 -2.22 -16.80 -39.25
C LYS A 126 -1.46 -17.60 -38.20
N TYR A 127 -1.51 -17.17 -36.95
CA TYR A 127 -0.82 -17.88 -35.87
C TYR A 127 -1.82 -18.75 -35.15
N THR A 128 -3.07 -18.73 -35.59
CA THR A 128 -4.10 -19.54 -34.94
C THR A 128 -4.14 -20.82 -35.73
N ALA A 129 -3.44 -20.80 -36.86
CA ALA A 129 -3.38 -21.93 -37.80
C ALA A 129 -3.20 -23.31 -37.14
N PHE A 130 -3.94 -24.28 -37.68
CA PHE A 130 -3.90 -25.66 -37.21
C PHE A 130 -4.41 -26.55 -38.36
N THR A 131 -4.51 -27.84 -38.08
CA THR A 131 -4.97 -28.83 -39.06
C THR A 131 -5.50 -30.07 -38.37
N ILE A 132 -6.53 -30.67 -38.98
CA ILE A 132 -6.96 -32.00 -38.59
C ILE A 132 -6.52 -33.05 -39.62
N PRO A 133 -5.98 -34.16 -39.13
CA PRO A 133 -5.43 -35.19 -40.02
C PRO A 133 -6.46 -35.69 -41.03
N SER A 134 -6.04 -36.57 -41.92
CA SER A 134 -6.95 -37.17 -42.89
C SER A 134 -7.93 -38.13 -42.22
N ILE A 135 -9.05 -38.39 -42.88
CA ILE A 135 -10.00 -39.38 -42.41
C ILE A 135 -9.40 -40.79 -42.44
N ASN A 136 -8.33 -40.95 -43.22
CA ASN A 136 -7.62 -42.21 -43.28
C ASN A 136 -6.28 -41.87 -42.62
N ASN A 137 -5.48 -42.89 -42.32
CA ASN A 137 -4.18 -42.64 -41.69
C ASN A 137 -3.18 -42.00 -42.67
N GLU A 138 -3.60 -41.86 -43.93
CA GLU A 138 -2.77 -41.22 -44.96
C GLU A 138 -2.79 -39.74 -44.55
N THR A 139 -1.96 -38.88 -45.13
CA THR A 139 -2.00 -37.52 -44.59
C THR A 139 -2.33 -36.23 -45.36
N PRO A 140 -3.39 -36.24 -46.20
CA PRO A 140 -3.60 -34.93 -46.82
C PRO A 140 -4.55 -34.22 -45.83
N GLY A 141 -3.93 -33.71 -44.75
CA GLY A 141 -4.63 -33.02 -43.68
C GLY A 141 -5.38 -31.79 -44.10
N ILE A 142 -6.33 -31.47 -43.26
CA ILE A 142 -7.16 -30.33 -43.48
C ILE A 142 -6.65 -29.13 -42.69
N ARG A 143 -6.51 -28.04 -43.42
CA ARG A 143 -6.10 -26.74 -42.88
C ARG A 143 -7.18 -25.63 -42.72
N TYR A 144 -7.19 -25.06 -41.50
CA TYR A 144 -8.07 -23.97 -41.04
C TYR A 144 -7.27 -22.96 -40.18
N GLN A 145 -7.86 -21.79 -39.95
CA GLN A 145 -7.32 -20.74 -39.10
C GLN A 145 -8.50 -19.93 -38.54
N TYR A 146 -8.38 -19.46 -37.31
CA TYR A 146 -9.45 -18.70 -36.66
C TYR A 146 -9.64 -17.26 -37.12
N ASN A 147 -10.90 -16.83 -37.15
CA ASN A 147 -11.25 -15.47 -37.55
C ASN A 147 -11.92 -14.73 -36.40
N VAL A 148 -12.01 -15.40 -35.26
CA VAL A 148 -12.61 -14.81 -34.06
C VAL A 148 -11.68 -15.19 -32.92
N LEU A 149 -11.99 -14.71 -31.72
CA LEU A 149 -11.13 -15.06 -30.61
C LEU A 149 -11.05 -16.62 -30.56
N PRO A 150 -9.85 -17.14 -30.26
CA PRO A 150 -9.58 -18.57 -30.17
C PRO A 150 -10.19 -18.91 -28.89
N GLN A 151 -10.52 -20.13 -28.59
CA GLN A 151 -11.21 -20.16 -27.31
C GLN A 151 -10.41 -20.03 -26.04
N GLY A 152 -9.18 -20.11 -26.03
CA GLY A 152 -8.57 -19.81 -24.82
C GLY A 152 -7.24 -19.31 -25.27
N TRP A 153 -7.22 -18.61 -26.35
CA TRP A 153 -5.96 -18.04 -26.68
C TRP A 153 -5.72 -17.05 -25.55
N LYS A 154 -4.47 -16.75 -25.19
CA LYS A 154 -4.17 -15.81 -24.09
C LYS A 154 -5.02 -14.56 -23.96
N GLY A 155 -5.00 -13.71 -24.98
CA GLY A 155 -5.76 -12.47 -24.92
C GLY A 155 -7.29 -12.39 -24.94
N SER A 156 -7.97 -13.52 -24.97
CA SER A 156 -9.43 -13.56 -25.04
C SER A 156 -10.36 -12.90 -23.98
N PRO A 157 -10.10 -13.03 -22.67
CA PRO A 157 -11.06 -12.39 -21.76
C PRO A 157 -10.87 -10.87 -21.86
N ALA A 158 -9.71 -10.48 -22.39
CA ALA A 158 -9.35 -9.08 -22.53
C ALA A 158 -9.97 -8.46 -23.76
N ILE A 159 -9.63 -8.96 -24.93
CA ILE A 159 -10.17 -8.36 -26.13
C ILE A 159 -11.67 -8.52 -26.17
N PHE A 160 -12.19 -9.43 -25.35
CA PHE A 160 -13.65 -9.61 -25.33
C PHE A 160 -14.23 -8.48 -24.50
N GLN A 161 -13.98 -8.57 -23.20
CA GLN A 161 -14.43 -7.53 -22.26
C GLN A 161 -14.23 -6.13 -22.86
N SER A 162 -13.16 -5.96 -23.63
CA SER A 162 -12.88 -4.71 -24.29
C SER A 162 -14.05 -4.39 -25.20
N SER A 163 -14.07 -5.06 -26.33
CA SER A 163 -15.13 -4.90 -27.33
C SER A 163 -16.54 -4.82 -26.72
N MET A 164 -16.81 -5.65 -25.71
CA MET A 164 -18.13 -5.66 -25.08
C MET A 164 -18.42 -4.24 -24.69
N THR A 165 -17.62 -3.74 -23.75
CA THR A 165 -17.71 -2.37 -23.25
C THR A 165 -17.97 -1.34 -24.38
N LYS A 166 -17.07 -1.21 -25.33
CA LYS A 166 -17.23 -0.24 -26.41
C LYS A 166 -18.55 -0.40 -27.15
N ILE A 167 -19.34 -1.38 -26.77
CA ILE A 167 -20.65 -1.59 -27.43
C ILE A 167 -21.72 -1.04 -26.48
N LEU A 168 -21.66 -1.49 -25.24
CA LEU A 168 -22.57 -1.03 -24.20
C LEU A 168 -22.43 0.48 -23.98
N GLU A 169 -21.26 1.04 -24.33
CA GLU A 169 -20.98 2.45 -24.16
C GLU A 169 -22.11 3.29 -24.73
N PRO A 170 -22.40 3.16 -26.04
CA PRO A 170 -23.48 3.97 -26.62
C PRO A 170 -24.88 3.64 -26.10
N PHE A 171 -25.10 2.43 -25.64
CA PHE A 171 -26.42 2.08 -25.12
C PHE A 171 -26.64 2.79 -23.80
N LYS A 172 -25.70 2.65 -22.88
CA LYS A 172 -25.83 3.28 -21.57
C LYS A 172 -26.10 4.79 -21.65
N LYS A 173 -25.58 5.45 -22.69
CA LYS A 173 -25.77 6.90 -22.84
C LYS A 173 -27.25 7.21 -23.11
N GLN A 174 -27.83 6.56 -24.11
CA GLN A 174 -29.22 6.79 -24.45
C GLN A 174 -30.14 6.32 -23.34
N ASN A 175 -29.57 5.78 -22.27
CA ASN A 175 -30.33 5.26 -21.10
C ASN A 175 -29.54 5.46 -19.78
N PRO A 176 -29.26 6.72 -19.40
CA PRO A 176 -28.51 7.06 -18.19
C PRO A 176 -29.17 6.62 -16.89
N ASP A 177 -30.20 5.81 -17.03
CA ASP A 177 -30.98 5.31 -15.90
C ASP A 177 -30.82 3.81 -15.61
N ILE A 178 -29.80 3.19 -16.20
CA ILE A 178 -29.59 1.77 -15.98
C ILE A 178 -28.12 1.46 -15.69
N VAL A 179 -27.87 0.79 -14.57
CA VAL A 179 -26.52 0.42 -14.21
C VAL A 179 -26.30 -1.01 -14.67
N ILE A 180 -25.63 -1.18 -15.80
CA ILE A 180 -25.34 -2.51 -16.34
C ILE A 180 -23.97 -2.98 -15.85
N TYR A 181 -23.94 -4.03 -15.03
CA TYR A 181 -22.67 -4.52 -14.54
C TYR A 181 -22.13 -5.60 -15.46
N GLN A 182 -20.82 -5.57 -15.70
CA GLN A 182 -20.21 -6.55 -16.60
C GLN A 182 -19.18 -7.46 -15.93
N TYR A 183 -19.29 -8.75 -16.18
CA TYR A 183 -18.36 -9.72 -15.62
C TYR A 183 -18.45 -11.01 -16.42
N MET A 184 -17.38 -11.30 -17.16
CA MET A 184 -17.30 -12.48 -18.02
C MET A 184 -18.46 -12.26 -18.99
N ASP A 185 -19.06 -13.36 -19.43
CA ASP A 185 -20.17 -13.28 -20.36
C ASP A 185 -21.48 -12.97 -19.64
N ASP A 186 -21.38 -12.33 -18.48
CA ASP A 186 -22.57 -11.98 -17.69
C ASP A 186 -22.84 -10.49 -17.57
N LEU A 187 -24.04 -10.10 -17.98
CA LEU A 187 -24.46 -8.72 -17.89
C LEU A 187 -25.45 -8.61 -16.72
N TYR A 188 -25.40 -7.50 -15.99
CA TYR A 188 -26.26 -7.31 -14.83
C TYR A 188 -27.19 -6.14 -15.00
N VAL A 189 -27.83 -6.05 -16.16
CA VAL A 189 -28.73 -4.95 -16.36
C VAL A 189 -29.83 -5.03 -15.30
N GLY A 190 -29.97 -3.96 -14.55
CA GLY A 190 -30.98 -3.92 -13.53
C GLY A 190 -31.38 -2.51 -13.25
N SER A 191 -32.65 -2.34 -12.92
CA SER A 191 -33.20 -1.05 -12.60
C SER A 191 -34.53 -1.30 -11.92
N ASP A 192 -35.07 -0.19 -11.40
CA ASP A 192 -36.32 -0.16 -10.69
C ASP A 192 -37.47 0.55 -11.41
N LEU A 193 -38.21 -0.16 -12.25
CA LEU A 193 -39.33 0.48 -12.95
C LEU A 193 -40.52 -0.47 -12.94
N GLU A 194 -41.67 -0.08 -13.51
CA GLU A 194 -42.74 -1.06 -13.46
C GLU A 194 -42.01 -2.25 -14.04
N ILE A 195 -42.44 -3.45 -13.71
CA ILE A 195 -41.70 -4.63 -14.16
C ILE A 195 -41.87 -4.92 -15.63
N GLY A 196 -42.93 -4.34 -16.18
CA GLY A 196 -43.31 -4.53 -17.57
C GLY A 196 -42.50 -3.64 -18.50
N GLN A 197 -42.52 -2.35 -18.21
CA GLN A 197 -41.76 -1.39 -19.02
C GLN A 197 -40.29 -1.80 -19.06
N HIS A 198 -39.75 -2.14 -17.89
CA HIS A 198 -38.36 -2.57 -17.73
C HIS A 198 -37.96 -3.58 -18.81
N ARG A 199 -38.73 -4.66 -18.92
CA ARG A 199 -38.47 -5.69 -19.89
C ARG A 199 -38.38 -5.05 -21.27
N THR A 200 -39.21 -4.05 -21.52
CA THR A 200 -39.19 -3.40 -22.81
C THR A 200 -37.78 -2.94 -23.09
N LYS A 201 -37.01 -2.70 -22.03
CA LYS A 201 -35.62 -2.25 -22.16
C LYS A 201 -34.63 -3.41 -22.31
N ILE A 202 -34.73 -4.39 -21.42
CA ILE A 202 -33.85 -5.56 -21.48
C ILE A 202 -34.03 -6.17 -22.86
N GLU A 203 -35.28 -6.24 -23.32
CA GLU A 203 -35.56 -6.79 -24.63
C GLU A 203 -35.06 -5.78 -25.68
N GLU A 204 -34.52 -4.66 -25.19
CA GLU A 204 -33.97 -3.63 -26.05
C GLU A 204 -32.45 -3.69 -26.10
N LEU A 205 -31.80 -3.86 -24.95
CA LEU A 205 -30.34 -3.95 -24.92
C LEU A 205 -30.02 -5.13 -25.82
N ARG A 206 -30.78 -6.20 -25.57
CA ARG A 206 -30.69 -7.47 -26.27
C ARG A 206 -30.76 -7.28 -27.80
N GLN A 207 -31.70 -6.46 -28.23
CA GLN A 207 -31.83 -6.19 -29.65
C GLN A 207 -30.54 -5.51 -30.08
N HIS A 208 -30.13 -4.50 -29.32
CA HIS A 208 -28.91 -3.77 -29.63
C HIS A 208 -27.69 -4.70 -29.63
N LEU A 209 -27.60 -5.58 -28.64
CA LEU A 209 -26.48 -6.51 -28.56
C LEU A 209 -26.50 -7.40 -29.79
N LEU A 210 -27.59 -8.13 -29.98
CA LEU A 210 -27.73 -8.96 -31.17
C LEU A 210 -27.58 -8.10 -32.40
N ARG A 211 -27.99 -6.84 -32.28
CA ARG A 211 -27.88 -5.96 -33.42
C ARG A 211 -26.46 -5.98 -33.94
N TRP A 212 -25.52 -5.94 -33.01
CA TRP A 212 -24.09 -5.98 -33.30
C TRP A 212 -23.46 -7.37 -33.13
N GLY A 213 -24.08 -8.49 -33.47
CA GLY A 213 -23.26 -9.69 -33.21
C GLY A 213 -23.13 -10.41 -31.84
N LEU A 214 -23.83 -10.01 -30.81
CA LEU A 214 -23.68 -10.72 -29.53
C LEU A 214 -25.02 -11.38 -29.22
N THR A 215 -25.07 -12.64 -28.84
CA THR A 215 -26.36 -13.27 -28.60
C THR A 215 -26.70 -13.49 -27.12
N THR A 216 -27.99 -13.44 -26.81
CA THR A 216 -28.46 -13.64 -25.44
C THR A 216 -29.69 -14.54 -25.41
N PRO A 217 -29.75 -15.38 -24.38
CA PRO A 217 -30.78 -16.37 -24.05
C PRO A 217 -32.13 -15.76 -23.82
N ASP A 218 -33.07 -16.60 -23.43
CA ASP A 218 -34.41 -16.10 -23.22
C ASP A 218 -35.48 -17.04 -22.73
N LYS A 219 -35.84 -16.98 -21.46
CA LYS A 219 -37.03 -17.76 -21.17
C LYS A 219 -37.75 -16.69 -22.02
N LYS A 220 -37.18 -15.48 -21.95
CA LYS A 220 -37.49 -14.26 -22.72
C LYS A 220 -36.11 -13.58 -22.58
N HIS A 221 -35.56 -13.79 -21.40
CA HIS A 221 -34.23 -13.40 -20.90
C HIS A 221 -34.28 -14.32 -19.65
N GLN A 222 -33.66 -15.49 -19.81
CA GLN A 222 -33.61 -16.65 -18.91
C GLN A 222 -33.51 -16.94 -17.39
N LYS A 223 -32.96 -16.11 -16.53
CA LYS A 223 -32.87 -16.55 -15.13
C LYS A 223 -33.87 -16.02 -14.09
N GLU A 224 -34.33 -16.87 -13.16
CA GLU A 224 -35.24 -16.33 -12.14
C GLU A 224 -34.45 -15.79 -10.92
N PRO A 225 -35.13 -15.20 -9.91
CA PRO A 225 -34.56 -14.63 -8.68
C PRO A 225 -33.30 -15.17 -7.96
N PRO A 226 -33.14 -16.51 -7.82
CA PRO A 226 -31.95 -17.02 -7.15
C PRO A 226 -30.73 -17.13 -8.07
N PHE A 227 -29.90 -16.10 -8.12
CA PHE A 227 -28.71 -16.12 -8.97
C PHE A 227 -27.49 -16.62 -8.24
N LEU A 228 -26.66 -17.36 -8.96
CA LEU A 228 -25.43 -17.87 -8.39
C LEU A 228 -24.31 -17.01 -8.87
N TRP A 229 -23.29 -16.83 -8.06
CA TRP A 229 -22.24 -16.00 -8.59
C TRP A 229 -20.95 -16.04 -7.88
N MET A 230 -20.04 -16.83 -8.42
CA MET A 230 -18.71 -16.92 -7.85
C MET A 230 -18.76 -17.33 -6.39
N GLY A 231 -19.92 -17.82 -5.94
CA GLY A 231 -20.05 -18.25 -4.56
C GLY A 231 -21.14 -17.49 -3.83
N TYR A 232 -21.79 -16.57 -4.52
CA TYR A 232 -22.83 -15.79 -3.89
C TYR A 232 -24.23 -16.25 -4.27
N GLU A 233 -25.22 -15.72 -3.56
CA GLU A 233 -26.61 -16.04 -3.81
C GLU A 233 -27.28 -14.69 -3.78
N LEU A 234 -27.52 -14.13 -4.97
CA LEU A 234 -28.12 -12.82 -5.04
C LEU A 234 -29.61 -12.83 -5.27
N HIS A 235 -30.38 -12.48 -4.24
CA HIS A 235 -31.84 -12.39 -4.39
C HIS A 235 -32.16 -11.01 -4.94
N PRO A 236 -33.43 -10.70 -5.20
CA PRO A 236 -33.76 -9.38 -5.75
C PRO A 236 -33.65 -8.21 -4.77
N ASP A 237 -33.56 -8.51 -3.49
CA ASP A 237 -33.48 -7.46 -2.47
C ASP A 237 -32.57 -7.90 -1.34
N LYS A 238 -31.74 -8.90 -1.64
CA LYS A 238 -30.80 -9.44 -0.66
C LYS A 238 -29.75 -10.37 -1.29
N TRP A 239 -28.59 -10.46 -0.67
CA TRP A 239 -27.53 -11.32 -1.17
C TRP A 239 -27.12 -12.20 0.00
N THR A 240 -26.50 -13.33 -0.31
CA THR A 240 -26.02 -14.20 0.75
C THR A 240 -24.99 -15.20 0.25
N VAL A 241 -24.27 -15.80 1.17
CA VAL A 241 -23.25 -16.76 0.79
C VAL A 241 -23.96 -18.01 0.28
N GLN A 242 -23.43 -18.60 -0.77
CA GLN A 242 -24.03 -19.83 -1.29
C GLN A 242 -23.79 -20.81 -0.13
N PRO A 243 -24.51 -21.93 -0.09
CA PRO A 243 -24.32 -22.89 1.01
C PRO A 243 -22.91 -23.40 1.29
N ILE A 244 -22.60 -23.58 2.56
CA ILE A 244 -21.28 -24.07 2.96
C ILE A 244 -21.26 -25.45 3.63
N VAL A 245 -20.24 -26.24 3.28
CA VAL A 245 -20.09 -27.58 3.83
C VAL A 245 -19.00 -27.68 4.89
N LEU A 246 -19.37 -27.54 6.15
CA LEU A 246 -18.39 -27.66 7.22
C LEU A 246 -18.51 -29.13 7.65
N PRO A 247 -17.60 -29.99 7.17
CA PRO A 247 -17.56 -31.44 7.45
C PRO A 247 -17.20 -31.89 8.85
N GLU A 248 -17.42 -33.20 9.07
CA GLU A 248 -17.12 -33.89 10.32
C GLU A 248 -16.34 -35.12 9.87
N LYS A 249 -15.09 -35.25 10.32
CA LYS A 249 -14.25 -36.39 9.95
C LYS A 249 -13.63 -37.04 11.18
N ASP A 250 -13.02 -38.19 10.93
CA ASP A 250 -12.32 -38.93 11.98
C ASP A 250 -10.85 -38.79 11.65
N SER A 251 -10.57 -37.97 10.64
CA SER A 251 -9.21 -37.72 10.19
C SER A 251 -9.12 -36.46 9.32
N TRP A 252 -8.18 -35.57 9.66
CA TRP A 252 -7.98 -34.34 8.91
C TRP A 252 -6.52 -34.21 8.50
N THR A 253 -6.27 -33.50 7.40
CA THR A 253 -4.91 -33.30 6.91
C THR A 253 -4.62 -31.82 6.62
N VAL A 254 -3.39 -31.50 6.21
CA VAL A 254 -3.00 -30.13 5.89
C VAL A 254 -3.77 -29.70 4.65
N ASN A 255 -4.41 -30.66 3.99
CA ASN A 255 -5.20 -30.43 2.78
C ASN A 255 -6.68 -30.34 3.18
N ASP A 256 -7.01 -31.00 4.28
CA ASP A 256 -8.38 -31.02 4.80
C ASP A 256 -8.71 -29.73 5.55
N ILE A 257 -7.67 -29.09 6.09
CA ILE A 257 -7.85 -27.85 6.85
C ILE A 257 -7.94 -26.59 5.98
N GLN A 258 -7.13 -26.51 4.93
CA GLN A 258 -7.19 -25.35 4.03
C GLN A 258 -8.59 -25.28 3.44
N LYS A 259 -9.16 -26.46 3.19
CA LYS A 259 -10.51 -26.56 2.64
C LYS A 259 -11.49 -26.03 3.68
N LEU A 260 -11.37 -26.53 4.90
CA LEU A 260 -12.21 -26.15 6.02
C LEU A 260 -12.09 -24.66 6.29
N VAL A 261 -10.91 -24.25 6.75
CA VAL A 261 -10.63 -22.85 7.07
C VAL A 261 -10.92 -21.95 5.88
N GLY A 262 -10.58 -22.44 4.69
CA GLY A 262 -10.83 -21.68 3.49
C GLY A 262 -12.31 -21.48 3.32
N LYS A 263 -13.09 -22.52 3.60
CA LYS A 263 -14.54 -22.46 3.51
C LYS A 263 -15.04 -21.57 4.62
N LEU A 264 -14.32 -21.61 5.75
CA LEU A 264 -14.71 -20.79 6.91
C LEU A 264 -14.45 -19.30 6.72
N ASN A 265 -13.38 -18.97 6.01
CA ASN A 265 -13.06 -17.56 5.78
C ASN A 265 -14.15 -16.91 4.93
N TRP A 266 -14.59 -17.62 3.90
CA TRP A 266 -15.61 -17.09 3.00
C TRP A 266 -16.93 -16.75 3.72
N ALA A 267 -17.46 -17.70 4.48
CA ALA A 267 -18.73 -17.54 5.19
C ALA A 267 -18.78 -16.35 6.13
N SER A 268 -17.61 -15.89 6.60
CA SER A 268 -17.56 -14.80 7.57
C SER A 268 -18.13 -13.47 7.07
N GLN A 269 -18.02 -13.23 5.76
CA GLN A 269 -18.53 -12.02 5.13
C GLN A 269 -19.87 -11.65 5.70
N ILE A 270 -20.72 -12.65 5.91
CA ILE A 270 -22.06 -12.39 6.42
C ILE A 270 -22.37 -13.10 7.74
N TYR A 271 -21.69 -14.21 7.96
CA TYR A 271 -21.90 -14.95 9.20
C TYR A 271 -21.05 -14.30 10.27
N PRO A 272 -21.72 -13.56 11.15
CA PRO A 272 -21.17 -12.80 12.28
C PRO A 272 -20.41 -13.52 13.39
N GLY A 273 -19.10 -13.36 13.40
CA GLY A 273 -18.31 -13.97 14.44
C GLY A 273 -17.88 -15.41 14.20
N ILE A 274 -17.25 -15.60 13.06
CA ILE A 274 -16.74 -16.91 12.69
C ILE A 274 -15.30 -16.99 13.20
N LYS A 275 -15.11 -17.45 14.42
CA LYS A 275 -13.75 -17.56 14.92
C LYS A 275 -13.04 -18.70 14.17
N VAL A 276 -11.81 -18.46 13.73
CA VAL A 276 -11.04 -19.49 13.01
C VAL A 276 -9.56 -19.35 13.34
N ARG A 277 -9.24 -18.78 14.51
CA ARG A 277 -7.85 -18.57 14.92
C ARG A 277 -7.04 -19.86 15.19
N GLN A 278 -7.58 -20.71 16.05
CA GLN A 278 -6.95 -21.97 16.43
C GLN A 278 -6.81 -22.98 15.27
N LEU A 279 -7.79 -22.97 14.36
CA LEU A 279 -7.84 -23.86 13.20
C LEU A 279 -6.71 -23.54 12.21
N SER A 280 -6.40 -22.24 12.09
CA SER A 280 -5.35 -21.77 11.21
C SER A 280 -4.02 -21.83 11.92
N LYS A 281 -4.08 -21.90 13.24
CA LYS A 281 -2.89 -21.97 14.08
C LYS A 281 -2.26 -23.33 13.85
N LEU A 282 -3.04 -24.21 13.22
CA LEU A 282 -2.67 -25.60 12.90
C LEU A 282 -1.95 -25.82 11.59
N LEU A 283 -2.34 -25.05 10.57
CA LEU A 283 -1.80 -25.20 9.23
C LEU A 283 -0.33 -24.90 9.13
N ARG A 284 0.28 -24.66 10.27
CA ARG A 284 1.69 -24.35 10.28
C ARG A 284 2.49 -25.33 11.11
N GLY A 285 2.15 -26.63 11.06
CA GLY A 285 2.94 -27.61 11.76
C GLY A 285 4.05 -27.54 10.74
N THR A 286 3.77 -28.13 9.60
CA THR A 286 4.68 -28.13 8.48
C THR A 286 3.70 -28.09 7.32
N LYS A 287 4.21 -27.63 6.19
CA LYS A 287 3.41 -27.56 5.02
C LYS A 287 3.53 -28.75 4.09
N ALA A 288 3.20 -29.92 4.63
CA ALA A 288 3.11 -31.11 3.83
C ALA A 288 1.66 -31.09 3.29
N LEU A 289 1.36 -31.64 2.13
CA LEU A 289 -0.02 -31.48 1.64
C LEU A 289 -1.00 -32.42 2.30
N THR A 290 -0.52 -33.63 2.53
CA THR A 290 -1.31 -34.66 3.15
C THR A 290 -0.58 -35.04 4.42
N GLU A 291 -1.23 -34.81 5.56
CA GLU A 291 -0.61 -35.12 6.84
C GLU A 291 -1.65 -35.45 7.89
N VAL A 292 -1.45 -36.56 8.59
CA VAL A 292 -2.37 -36.95 9.65
C VAL A 292 -2.24 -35.90 10.75
N ILE A 293 -3.01 -34.82 10.64
CA ILE A 293 -2.96 -33.77 11.64
C ILE A 293 -4.00 -34.05 12.71
N PRO A 294 -3.55 -34.25 13.94
CA PRO A 294 -4.50 -34.51 15.02
C PRO A 294 -5.22 -33.21 15.38
N LEU A 295 -6.54 -33.21 15.31
CA LEU A 295 -7.28 -32.02 15.67
C LEU A 295 -6.78 -31.65 17.04
N THR A 296 -6.94 -30.39 17.40
CA THR A 296 -6.52 -29.98 18.70
C THR A 296 -7.82 -29.84 19.50
N GLU A 297 -7.72 -29.83 20.82
CA GLU A 297 -8.89 -29.72 21.68
C GLU A 297 -9.57 -28.36 21.52
N GLU A 298 -8.76 -27.37 21.17
CA GLU A 298 -9.22 -26.00 20.99
C GLU A 298 -9.93 -25.78 19.64
N ALA A 299 -9.53 -26.51 18.61
CA ALA A 299 -10.10 -26.39 17.25
C ALA A 299 -11.49 -26.98 17.19
N GLU A 300 -11.59 -28.19 17.73
CA GLU A 300 -12.83 -28.91 17.78
C GLU A 300 -13.85 -28.11 18.60
N LEU A 301 -13.39 -27.24 19.51
CA LEU A 301 -14.32 -26.42 20.31
C LEU A 301 -14.67 -25.18 19.49
N GLU A 302 -13.71 -24.76 18.68
CA GLU A 302 -13.84 -23.60 17.81
C GLU A 302 -14.75 -23.97 16.64
N LEU A 303 -14.54 -25.16 16.09
CA LEU A 303 -15.33 -25.64 14.96
C LEU A 303 -16.77 -25.94 15.38
N ALA A 304 -16.93 -26.44 16.60
CA ALA A 304 -18.26 -26.76 17.16
C ALA A 304 -19.10 -25.49 17.17
N GLU A 305 -18.48 -24.38 17.57
CA GLU A 305 -19.18 -23.10 17.62
C GLU A 305 -19.44 -22.58 16.19
N ASN A 306 -18.43 -22.68 15.31
CA ASN A 306 -18.58 -22.23 13.93
C ASN A 306 -19.74 -22.95 13.28
N ARG A 307 -19.98 -24.18 13.71
CA ARG A 307 -21.06 -24.97 13.18
C ARG A 307 -22.38 -24.40 13.68
N GLU A 308 -22.45 -24.17 14.98
CA GLU A 308 -23.67 -23.65 15.59
C GLU A 308 -24.01 -22.32 14.96
N ILE A 309 -22.99 -21.60 14.55
CA ILE A 309 -23.19 -20.29 13.91
C ILE A 309 -23.84 -20.49 12.55
N LEU A 310 -23.31 -21.45 11.81
CA LEU A 310 -23.80 -21.77 10.46
C LEU A 310 -25.12 -22.56 10.49
N LYS A 311 -25.45 -23.11 11.67
CA LYS A 311 -26.68 -23.88 11.82
C LYS A 311 -27.90 -22.98 11.64
N GLU A 312 -27.67 -21.69 11.44
CA GLU A 312 -28.74 -20.72 11.25
C GLU A 312 -28.44 -19.77 10.11
N PRO A 313 -29.25 -19.80 9.04
CA PRO A 313 -29.06 -18.93 7.86
C PRO A 313 -29.28 -17.42 8.09
N VAL A 314 -28.32 -16.63 7.60
CA VAL A 314 -28.36 -15.17 7.72
C VAL A 314 -28.27 -14.52 6.35
N HIS A 315 -28.96 -13.40 6.19
CA HIS A 315 -28.98 -12.66 4.92
C HIS A 315 -28.07 -11.43 4.90
N GLY A 316 -28.00 -10.78 3.74
CA GLY A 316 -27.18 -9.59 3.57
C GLY A 316 -27.95 -8.59 2.75
N VAL A 317 -27.78 -7.31 3.06
CA VAL A 317 -28.51 -6.24 2.36
C VAL A 317 -27.75 -5.58 1.21
N TYR A 318 -28.45 -4.77 0.41
CA TYR A 318 -27.84 -4.04 -0.68
C TYR A 318 -27.51 -2.61 -0.31
N TYR A 319 -26.58 -2.02 -1.05
CA TYR A 319 -26.14 -0.66 -0.77
C TYR A 319 -27.13 0.39 -1.20
N ASP A 320 -27.34 1.36 -0.29
CA ASP A 320 -28.22 2.48 -0.55
C ASP A 320 -27.30 3.69 -0.53
N PRO A 321 -27.10 4.32 -1.70
CA PRO A 321 -26.24 5.48 -1.86
C PRO A 321 -26.50 6.72 -0.97
N SER A 322 -27.71 7.25 -1.00
CA SER A 322 -28.05 8.43 -0.21
C SER A 322 -27.79 8.16 1.27
N LYS A 323 -28.27 7.02 1.76
CA LYS A 323 -28.02 6.65 3.14
C LYS A 323 -26.52 6.38 3.20
N ASP A 324 -25.90 6.60 4.36
CA ASP A 324 -24.47 6.39 4.48
C ASP A 324 -24.07 5.06 5.11
N LEU A 325 -22.76 4.84 5.23
CA LEU A 325 -22.24 3.62 5.81
C LEU A 325 -21.78 3.80 7.24
N ILE A 326 -22.08 2.80 8.07
CA ILE A 326 -21.66 2.83 9.46
C ILE A 326 -21.01 1.50 9.68
N ALA A 327 -19.89 1.48 10.39
CA ALA A 327 -19.21 0.25 10.63
C ALA A 327 -18.96 0.20 12.11
N GLU A 328 -19.14 -0.98 12.70
CA GLU A 328 -18.90 -1.13 14.13
C GLU A 328 -18.04 -2.38 14.40
N ILE A 329 -17.19 -2.28 15.41
CA ILE A 329 -16.31 -3.37 15.75
C ILE A 329 -16.60 -3.91 17.13
N GLN A 330 -15.99 -5.05 17.43
CA GLN A 330 -16.12 -5.71 18.72
C GLN A 330 -15.01 -6.77 18.82
N LYS A 331 -14.26 -6.72 19.93
CA LYS A 331 -13.15 -7.64 20.17
C LYS A 331 -13.60 -8.93 20.86
N GLN A 332 -13.27 -10.08 20.25
CA GLN A 332 -13.60 -11.40 20.81
C GLN A 332 -12.42 -11.98 21.58
N GLY A 333 -11.39 -11.17 21.76
CA GLY A 333 -10.22 -11.59 22.51
C GLY A 333 -9.26 -12.42 21.69
N GLN A 334 -8.09 -12.71 22.27
CA GLN A 334 -7.07 -13.52 21.59
C GLN A 334 -6.62 -12.79 20.33
N GLY A 335 -7.06 -11.54 20.18
CA GLY A 335 -6.71 -10.78 19.00
C GLY A 335 -7.72 -11.05 17.89
N GLN A 336 -8.90 -11.53 18.28
CA GLN A 336 -9.94 -11.83 17.31
C GLN A 336 -11.04 -10.82 17.38
N TRP A 337 -11.04 -9.89 16.43
CA TRP A 337 -12.04 -8.83 16.38
C TRP A 337 -13.01 -9.12 15.25
N THR A 338 -14.30 -8.80 15.45
CA THR A 338 -15.28 -9.02 14.41
C THR A 338 -16.08 -7.72 14.18
N TYR A 339 -16.46 -7.47 12.92
CA TYR A 339 -17.21 -6.26 12.61
C TYR A 339 -18.42 -6.50 11.72
N GLN A 340 -19.04 -5.39 11.29
CA GLN A 340 -20.21 -5.39 10.43
C GLN A 340 -20.56 -3.97 9.97
N ILE A 341 -20.58 -3.77 8.66
CA ILE A 341 -20.89 -2.51 8.03
C ILE A 341 -22.38 -2.41 7.67
N TYR A 342 -23.00 -1.33 8.14
CA TYR A 342 -24.42 -1.15 7.91
C TYR A 342 -24.90 0.29 7.76
N GLN A 343 -26.17 0.41 7.41
CA GLN A 343 -26.79 1.70 7.19
C GLN A 343 -28.01 1.79 8.11
N GLU A 344 -28.57 0.62 8.43
CA GLU A 344 -29.75 0.51 9.27
C GLU A 344 -29.75 -0.68 10.22
N PRO A 345 -30.53 -0.57 11.31
CA PRO A 345 -30.67 -1.60 12.35
C PRO A 345 -31.07 -2.95 11.74
N PHE A 346 -30.40 -4.01 12.16
CA PHE A 346 -30.64 -5.37 11.70
C PHE A 346 -30.51 -5.55 10.17
N LYS A 347 -29.66 -4.76 9.53
CA LYS A 347 -29.47 -4.87 8.08
C LYS A 347 -28.02 -4.58 7.71
N ASN A 348 -27.17 -5.59 7.78
CA ASN A 348 -25.77 -5.41 7.45
C ASN A 348 -25.49 -5.71 5.98
N LEU A 349 -24.57 -4.94 5.40
CA LEU A 349 -24.19 -5.13 4.01
C LEU A 349 -23.24 -6.31 4.06
N LYS A 350 -22.48 -6.43 5.15
CA LYS A 350 -21.49 -7.50 5.29
C LYS A 350 -20.80 -7.33 6.63
N THR A 351 -20.28 -8.44 7.17
CA THR A 351 -19.55 -8.42 8.43
C THR A 351 -18.30 -9.20 8.13
N GLY A 352 -17.27 -9.04 8.93
CA GLY A 352 -16.06 -9.79 8.68
C GLY A 352 -15.27 -9.92 9.98
N LYS A 353 -14.04 -10.39 9.85
CA LYS A 353 -13.16 -10.57 11.00
C LYS A 353 -11.79 -9.90 10.80
N TYR A 354 -11.12 -9.64 11.91
CA TYR A 354 -9.78 -9.09 11.83
C TYR A 354 -8.85 -9.92 12.73
N ALA A 355 -8.02 -10.79 12.08
CA ALA A 355 -7.06 -11.66 12.78
C ALA A 355 -6.00 -10.79 13.47
N ARG A 356 -5.14 -11.40 14.30
CA ARG A 356 -4.14 -10.68 15.11
C ARG A 356 -2.79 -10.36 14.46
N MET A 357 -2.67 -10.53 13.15
CA MET A 357 -1.43 -10.21 12.49
C MET A 357 -0.30 -11.13 12.91
N ARG A 358 -0.76 -12.21 13.55
CA ARG A 358 0.06 -13.38 13.90
C ARG A 358 1.39 -13.14 14.56
N GLY A 359 1.45 -11.98 15.18
CA GLY A 359 2.61 -11.50 15.88
C GLY A 359 2.93 -11.98 17.25
N ALA A 360 3.74 -11.17 17.92
CA ALA A 360 4.22 -11.44 19.26
C ALA A 360 3.94 -10.43 20.39
N HIS A 361 3.59 -9.16 20.09
CA HIS A 361 3.40 -8.27 21.22
C HIS A 361 2.62 -7.12 20.65
N THR A 362 1.33 -7.07 20.95
CA THR A 362 0.44 -6.04 20.42
C THR A 362 -0.70 -5.87 21.40
N ASN A 363 -1.07 -4.62 21.65
CA ASN A 363 -2.16 -4.34 22.59
C ASN A 363 -3.39 -3.90 21.83
N ASP A 364 -4.54 -4.24 22.40
CA ASP A 364 -5.84 -3.93 21.82
C ASP A 364 -5.93 -2.64 21.01
N VAL A 365 -5.48 -1.55 21.60
CA VAL A 365 -5.56 -0.30 20.89
C VAL A 365 -4.87 -0.40 19.51
N LYS A 366 -3.70 -1.05 19.50
CA LYS A 366 -2.92 -1.22 18.27
C LYS A 366 -3.82 -1.93 17.26
N GLN A 367 -4.31 -3.08 17.67
CA GLN A 367 -5.17 -3.94 16.85
C GLN A 367 -6.42 -3.21 16.43
N LEU A 368 -7.12 -2.63 17.40
CA LEU A 368 -8.32 -1.89 17.09
C LEU A 368 -7.97 -0.86 16.04
N THR A 369 -6.76 -0.32 16.10
CA THR A 369 -6.34 0.67 15.13
C THR A 369 -6.26 0.00 13.78
N GLU A 370 -5.49 -1.08 13.71
CA GLU A 370 -5.31 -1.82 12.45
C GLU A 370 -6.65 -2.38 11.98
N ALA A 371 -7.59 -2.56 12.92
CA ALA A 371 -8.92 -3.09 12.59
C ALA A 371 -9.67 -2.04 11.78
N VAL A 372 -9.79 -0.85 12.38
CA VAL A 372 -10.45 0.30 11.76
C VAL A 372 -9.89 0.43 10.34
N GLN A 373 -8.58 0.31 10.27
CA GLN A 373 -7.85 0.42 9.02
C GLN A 373 -8.33 -0.55 7.95
N LYS A 374 -8.30 -1.84 8.26
CA LYS A 374 -8.71 -2.88 7.32
C LYS A 374 -10.06 -2.52 6.75
N ILE A 375 -10.94 -2.10 7.65
CA ILE A 375 -12.30 -1.74 7.27
C ILE A 375 -12.34 -0.49 6.40
N THR A 376 -11.39 0.41 6.63
CA THR A 376 -11.36 1.65 5.89
C THR A 376 -10.99 1.45 4.43
N THR A 377 -9.88 0.73 4.26
CA THR A 377 -9.30 0.43 2.93
C THR A 377 -10.31 -0.28 2.07
N GLU A 378 -11.02 -1.17 2.73
CA GLU A 378 -12.06 -1.97 2.14
C GLU A 378 -13.35 -1.23 1.77
N SER A 379 -13.79 -0.37 2.67
CA SER A 379 -14.99 0.40 2.41
C SER A 379 -14.77 1.32 1.20
N ILE A 380 -13.51 1.68 0.97
CA ILE A 380 -13.19 2.55 -0.15
C ILE A 380 -13.28 1.81 -1.47
N VAL A 381 -13.39 0.47 -1.40
CA VAL A 381 -13.49 -0.36 -2.61
C VAL A 381 -14.93 -0.74 -2.96
N ILE A 382 -15.55 -1.46 -2.03
CA ILE A 382 -16.93 -1.89 -2.21
C ILE A 382 -17.89 -0.72 -2.37
N TRP A 383 -17.62 0.36 -1.63
CA TRP A 383 -18.50 1.51 -1.67
C TRP A 383 -17.89 2.78 -2.18
N GLY A 384 -16.61 3.00 -1.89
CA GLY A 384 -16.02 4.20 -2.45
C GLY A 384 -15.76 5.29 -1.44
N LYS A 385 -16.29 5.10 -0.24
CA LYS A 385 -16.04 6.06 0.82
C LYS A 385 -15.85 5.33 2.12
N THR A 386 -15.35 6.03 3.13
CA THR A 386 -15.14 5.42 4.44
C THR A 386 -16.41 5.55 5.31
N PRO A 387 -16.59 4.65 6.29
CA PRO A 387 -17.77 4.70 7.17
C PRO A 387 -17.57 5.35 8.54
N LYS A 388 -18.68 5.70 9.19
CA LYS A 388 -18.58 6.27 10.52
C LYS A 388 -18.26 5.05 11.39
N PHE A 389 -17.30 5.19 12.29
CA PHE A 389 -16.94 4.06 13.13
C PHE A 389 -17.55 4.11 14.52
N LYS A 390 -17.95 2.93 15.00
CA LYS A 390 -18.53 2.77 16.32
C LYS A 390 -17.58 1.88 17.12
N LEU A 391 -16.47 2.44 17.60
CA LEU A 391 -15.49 1.63 18.30
C LEU A 391 -15.62 1.54 19.83
N PRO A 392 -15.48 0.32 20.38
CA PRO A 392 -15.55 -0.04 21.79
C PRO A 392 -14.40 0.52 22.64
N ILE A 393 -14.21 1.83 22.55
CA ILE A 393 -13.15 2.52 23.28
C ILE A 393 -13.56 3.98 23.42
N GLN A 394 -13.17 4.62 24.52
CA GLN A 394 -13.50 6.03 24.73
C GLN A 394 -12.40 6.97 24.25
N LYS A 395 -12.81 8.08 23.66
CA LYS A 395 -11.86 9.06 23.15
C LYS A 395 -10.76 9.32 24.15
N GLU A 396 -11.02 9.03 25.41
CA GLU A 396 -10.00 9.29 26.41
C GLU A 396 -8.90 8.27 26.39
N THR A 397 -9.28 7.01 26.20
CA THR A 397 -8.32 5.93 26.18
C THR A 397 -7.44 6.02 24.93
N TRP A 398 -8.04 6.41 23.80
CA TRP A 398 -7.31 6.54 22.55
C TRP A 398 -6.30 7.68 22.61
N GLU A 399 -6.81 8.89 22.82
CA GLU A 399 -6.01 10.12 22.94
C GLU A 399 -4.68 9.81 23.67
N THR A 400 -4.79 9.08 24.77
CA THR A 400 -3.64 8.69 25.55
C THR A 400 -2.57 8.01 24.73
N TRP A 401 -2.94 6.83 24.23
CA TRP A 401 -2.07 5.97 23.44
C TRP A 401 -1.37 6.53 22.19
N TRP A 402 -2.08 7.27 21.34
CA TRP A 402 -1.44 7.81 20.13
C TRP A 402 -0.51 8.97 20.42
N THR A 403 -0.91 9.84 21.34
CA THR A 403 -0.09 10.97 21.73
C THR A 403 1.17 10.47 22.44
N GLU A 404 1.17 9.17 22.70
CA GLU A 404 2.29 8.52 23.34
C GLU A 404 2.76 7.28 22.57
N TYR A 405 2.64 7.35 21.25
CA TYR A 405 3.11 6.24 20.41
C TYR A 405 3.99 6.78 19.31
N TRP A 406 5.27 6.38 19.38
CA TRP A 406 6.30 6.80 18.43
C TRP A 406 5.87 6.79 16.95
N GLN A 407 4.76 6.12 16.69
CA GLN A 407 4.27 6.02 15.34
C GLN A 407 3.16 7.00 15.10
N ALA A 408 2.98 7.35 13.85
CA ALA A 408 1.95 8.28 13.47
C ALA A 408 0.66 7.55 13.13
N THR A 409 -0.25 7.40 14.09
CA THR A 409 -1.52 6.69 13.83
C THR A 409 -2.61 7.65 13.37
N TRP A 410 -3.72 7.11 12.88
CA TRP A 410 -4.80 7.98 12.44
C TRP A 410 -6.16 7.29 12.38
N ILE A 411 -6.77 7.08 13.53
CA ILE A 411 -8.11 6.49 13.57
C ILE A 411 -8.89 7.75 13.14
N PRO A 412 -9.62 7.67 12.04
CA PRO A 412 -10.44 8.73 11.43
C PRO A 412 -11.63 9.44 11.99
N GLU A 413 -12.74 8.73 12.27
CA GLU A 413 -13.88 9.45 12.78
C GLU A 413 -14.80 8.47 13.46
N TRP A 414 -14.69 8.42 14.77
CA TRP A 414 -15.54 7.48 15.47
C TRP A 414 -16.40 8.06 16.56
N GLU A 415 -17.24 7.17 17.05
CA GLU A 415 -18.17 7.41 18.12
C GLU A 415 -17.94 6.33 19.14
N PHE A 416 -18.21 6.63 20.40
CA PHE A 416 -18.03 5.63 21.44
C PHE A 416 -19.13 4.58 21.34
N VAL A 417 -18.84 3.39 21.81
CA VAL A 417 -19.80 2.30 21.79
C VAL A 417 -19.66 1.54 23.07
N ASN A 418 -20.57 1.79 24.02
CA ASN A 418 -20.52 1.13 25.31
C ASN A 418 -21.12 -0.25 25.27
N THR A 419 -20.27 -1.23 25.11
CA THR A 419 -20.69 -2.62 25.05
C THR A 419 -19.44 -3.44 25.19
N PRO A 420 -19.13 -3.86 26.42
CA PRO A 420 -17.94 -4.67 26.75
C PRO A 420 -17.68 -5.93 25.88
N PRO A 421 -16.40 -6.35 25.78
CA PRO A 421 -15.26 -5.68 26.42
C PRO A 421 -14.96 -4.33 25.78
N LEU A 422 -14.47 -3.38 26.59
CA LEU A 422 -14.13 -2.05 26.06
C LEU A 422 -12.60 -1.95 26.03
N VAL A 423 -12.06 -1.66 24.85
CA VAL A 423 -10.61 -1.58 24.65
C VAL A 423 -9.94 -0.65 25.65
N LYS A 424 -8.97 -1.17 26.40
CA LYS A 424 -8.28 -0.32 27.36
C LYS A 424 -6.91 -0.83 27.75
N LEU A 425 -6.00 0.12 28.00
CA LEU A 425 -4.63 -0.17 28.39
C LEU A 425 -4.67 -0.46 29.88
N TRP A 426 -4.34 -1.69 30.23
CA TRP A 426 -4.39 -2.17 31.60
C TRP A 426 -3.30 -1.72 32.56
N TYR A 427 -2.07 -1.61 32.09
CA TYR A 427 -1.00 -1.19 32.98
C TYR A 427 -0.32 0.05 32.41
N GLN A 428 0.20 0.91 33.29
CA GLN A 428 0.87 2.12 32.84
C GLN A 428 2.14 2.35 33.61
N LEU A 429 3.18 2.73 32.87
CA LEU A 429 4.48 2.95 33.48
C LEU A 429 4.73 4.39 33.93
N GLU A 430 5.29 4.55 35.13
CA GLU A 430 5.59 5.86 35.67
C GLU A 430 6.56 6.54 34.73
N LYS A 431 6.22 7.77 34.33
CA LYS A 431 7.07 8.53 33.41
C LYS A 431 8.36 9.01 34.07
N GLU A 432 8.39 8.93 35.39
CA GLU A 432 9.56 9.32 36.16
C GLU A 432 9.69 8.37 37.33
N PRO A 433 10.91 8.24 37.87
CA PRO A 433 11.16 7.34 39.00
C PRO A 433 10.25 7.57 40.19
N ILE A 434 10.33 6.69 41.17
CA ILE A 434 9.50 6.81 42.35
C ILE A 434 10.43 6.91 43.55
N VAL A 435 10.30 7.99 44.30
CA VAL A 435 11.15 8.25 45.45
C VAL A 435 11.22 7.19 46.57
N GLY A 436 10.14 7.02 47.32
CA GLY A 436 10.17 6.03 48.39
C GLY A 436 9.85 4.60 47.96
N ALA A 437 10.45 4.17 46.84
CA ALA A 437 10.24 2.83 46.31
C ALA A 437 11.61 2.23 46.02
N GLU A 438 11.81 1.00 46.51
CA GLU A 438 13.08 0.29 46.32
C GLU A 438 13.44 0.23 44.85
N THR A 439 14.73 0.27 44.55
CA THR A 439 15.17 0.20 43.15
C THR A 439 15.84 -1.12 42.86
N PHE A 440 15.21 -1.92 42.01
CA PHE A 440 15.75 -3.24 41.67
C PHE A 440 16.63 -3.16 40.44
N TYR A 441 17.89 -3.50 40.61
CA TYR A 441 18.84 -3.49 39.50
C TYR A 441 18.82 -4.94 38.99
N VAL A 442 18.13 -5.18 37.88
CA VAL A 442 18.01 -6.53 37.38
C VAL A 442 18.87 -6.80 36.17
N ASP A 443 19.02 -8.10 35.87
CA ASP A 443 19.79 -8.58 34.74
C ASP A 443 19.84 -10.09 34.89
N GLY A 444 19.92 -10.75 33.75
CA GLY A 444 19.98 -12.19 33.72
C GLY A 444 20.44 -12.65 32.36
N ALA A 445 21.54 -13.38 32.30
CA ALA A 445 22.05 -13.86 31.04
C ALA A 445 21.85 -15.39 30.96
N ALA A 446 22.41 -16.01 29.92
CA ALA A 446 22.32 -17.46 29.73
C ALA A 446 23.35 -17.89 28.69
N ASN A 447 23.76 -19.15 28.78
CA ASN A 447 24.76 -19.74 27.86
C ASN A 447 24.06 -20.08 26.54
N ARG A 448 24.42 -19.37 25.48
CA ARG A 448 23.80 -19.58 24.16
C ARG A 448 23.84 -21.05 23.82
N GLU A 449 24.87 -21.73 24.32
CA GLU A 449 25.08 -23.16 24.07
C GLU A 449 24.29 -24.05 25.01
N THR A 450 24.84 -24.29 26.20
CA THR A 450 24.21 -25.16 27.18
C THR A 450 22.75 -24.81 27.45
N LYS A 451 22.29 -23.67 26.93
CA LYS A 451 20.91 -23.19 27.14
C LYS A 451 20.56 -23.23 28.62
N LEU A 452 21.42 -22.60 29.40
CA LEU A 452 21.29 -22.49 30.84
C LEU A 452 21.54 -21.05 31.27
N GLY A 453 20.60 -20.47 32.00
CA GLY A 453 20.77 -19.11 32.45
C GLY A 453 20.34 -18.98 33.91
N LYS A 454 20.35 -17.74 34.39
CA LYS A 454 19.97 -17.40 35.76
C LYS A 454 19.56 -15.93 35.72
N ALA A 455 18.41 -15.60 36.28
CA ALA A 455 17.99 -14.20 36.30
C ALA A 455 18.11 -13.78 37.75
N GLY A 456 18.34 -12.48 37.96
CA GLY A 456 18.45 -12.02 39.34
C GLY A 456 18.36 -10.53 39.53
N TYR A 457 18.87 -10.06 40.66
CA TYR A 457 18.85 -8.64 40.95
C TYR A 457 19.74 -8.29 42.14
N VAL A 458 19.76 -7.01 42.46
CA VAL A 458 20.49 -6.44 43.59
C VAL A 458 19.92 -5.07 43.76
N THR A 459 19.42 -4.78 44.96
CA THR A 459 18.79 -3.48 45.23
C THR A 459 19.53 -2.59 46.19
N ASN A 460 19.09 -1.32 46.22
CA ASN A 460 19.64 -0.31 47.09
C ASN A 460 19.58 -0.82 48.53
N LYS A 461 18.41 -1.30 48.96
CA LYS A 461 18.25 -1.80 50.32
C LYS A 461 19.17 -2.97 50.59
N GLY A 462 19.89 -3.40 49.56
CA GLY A 462 20.85 -4.49 49.70
C GLY A 462 20.36 -5.94 49.58
N ARG A 463 19.18 -6.12 49.00
CA ARG A 463 18.62 -7.45 48.81
C ARG A 463 19.14 -8.02 47.50
N GLN A 464 19.41 -9.32 47.50
CA GLN A 464 19.90 -9.99 46.29
C GLN A 464 19.25 -11.36 46.12
N LYS A 465 18.99 -11.72 44.88
CA LYS A 465 18.44 -13.04 44.58
C LYS A 465 18.85 -13.47 43.18
N VAL A 466 19.17 -14.74 43.05
CA VAL A 466 19.57 -15.34 41.76
C VAL A 466 18.83 -16.65 41.52
N VAL A 467 17.87 -16.62 40.60
CA VAL A 467 17.11 -17.83 40.30
C VAL A 467 17.66 -18.51 39.08
N PRO A 468 18.13 -19.76 39.25
CA PRO A 468 18.71 -20.56 38.16
C PRO A 468 17.66 -20.98 37.18
N LEU A 469 17.96 -20.80 35.89
CA LEU A 469 17.05 -21.16 34.82
C LEU A 469 17.67 -22.26 33.97
N THR A 470 16.83 -23.02 33.27
CA THR A 470 17.37 -24.09 32.45
C THR A 470 16.65 -24.10 31.13
N ASN A 471 17.33 -24.59 30.09
CA ASN A 471 16.72 -24.67 28.77
C ASN A 471 16.04 -23.35 28.42
N THR A 472 16.78 -22.28 28.61
CA THR A 472 16.27 -20.95 28.36
C THR A 472 17.06 -20.17 27.28
N THR A 473 16.41 -19.17 26.70
CA THR A 473 17.04 -18.33 25.70
C THR A 473 17.76 -17.22 26.48
N ASN A 474 18.29 -16.22 25.81
CA ASN A 474 18.95 -15.13 26.51
C ASN A 474 17.84 -14.10 26.85
N GLN A 475 16.92 -13.92 25.91
CA GLN A 475 15.83 -13.01 26.10
C GLN A 475 14.91 -13.53 27.18
N LYS A 476 14.98 -14.82 27.46
CA LYS A 476 14.11 -15.42 28.45
C LYS A 476 14.63 -15.03 29.82
N THR A 477 15.94 -15.06 29.98
CA THR A 477 16.53 -14.70 31.25
C THR A 477 16.46 -13.16 31.39
N GLU A 478 16.41 -12.49 30.25
CA GLU A 478 16.34 -11.04 30.24
C GLU A 478 15.02 -10.57 30.86
N LEU A 479 13.93 -11.26 30.52
CA LEU A 479 12.61 -10.92 31.03
C LEU A 479 12.33 -11.68 32.31
N GLN A 480 13.13 -12.69 32.55
CA GLN A 480 12.96 -13.48 33.74
C GLN A 480 13.28 -12.63 34.93
N ALA A 481 14.21 -11.70 34.71
CA ALA A 481 14.67 -10.76 35.76
C ALA A 481 13.60 -9.70 36.08
N ILE A 482 13.11 -9.03 35.05
CA ILE A 482 12.09 -8.03 35.29
C ILE A 482 10.94 -8.70 36.02
N TYR A 483 10.55 -9.90 35.59
CA TYR A 483 9.48 -10.63 36.25
C TYR A 483 9.83 -11.00 37.69
N LEU A 484 11.11 -11.26 37.90
CA LEU A 484 11.58 -11.63 39.23
C LEU A 484 11.52 -10.41 40.14
N ALA A 485 11.91 -9.25 39.62
CA ALA A 485 11.89 -8.01 40.42
C ALA A 485 10.44 -7.73 40.76
N LEU A 486 9.56 -7.77 39.78
CA LEU A 486 8.15 -7.54 40.03
C LEU A 486 7.66 -8.48 41.14
N GLN A 487 8.21 -9.67 41.20
CA GLN A 487 7.82 -10.62 42.25
C GLN A 487 8.29 -10.15 43.62
N ASP A 488 9.60 -10.15 43.83
CA ASP A 488 10.23 -9.73 45.09
C ASP A 488 9.91 -8.31 45.57
N SER A 489 9.63 -7.39 44.65
CA SER A 489 9.37 -6.00 45.02
C SER A 489 8.01 -5.74 45.65
N GLY A 490 7.88 -4.53 46.20
CA GLY A 490 6.65 -4.12 46.86
C GLY A 490 5.54 -3.57 45.97
N LEU A 491 4.76 -2.65 46.52
CA LEU A 491 3.64 -2.06 45.80
C LEU A 491 3.95 -1.05 44.70
N GLU A 492 5.16 -0.49 44.73
CA GLU A 492 5.58 0.49 43.73
C GLU A 492 7.07 0.28 43.58
N VAL A 493 7.58 0.19 42.35
CA VAL A 493 9.01 -0.03 42.22
C VAL A 493 9.64 0.54 40.97
N ASN A 494 10.97 0.68 41.05
CA ASN A 494 11.78 1.20 39.94
C ASN A 494 12.75 0.09 39.55
N ILE A 495 12.77 -0.29 38.27
CA ILE A 495 13.65 -1.34 37.80
C ILE A 495 14.66 -0.81 36.80
N VAL A 496 15.91 -1.28 36.93
CA VAL A 496 16.97 -0.88 36.01
C VAL A 496 17.42 -2.10 35.20
N THR A 497 17.25 -2.00 33.89
CA THR A 497 17.62 -3.09 32.98
C THR A 497 18.69 -2.70 31.96
N ASP A 498 19.50 -3.70 31.57
CA ASP A 498 20.53 -3.50 30.57
C ASP A 498 19.99 -3.99 29.24
N SER A 499 18.77 -4.52 29.32
CA SER A 499 18.06 -5.07 28.18
C SER A 499 17.21 -4.20 27.32
N GLN A 500 17.70 -3.88 26.12
CA GLN A 500 16.91 -3.09 25.20
C GLN A 500 15.56 -3.80 25.00
N TYR A 501 15.64 -5.07 24.64
CA TYR A 501 14.51 -5.94 24.39
C TYR A 501 13.49 -5.93 25.52
N ALA A 502 13.89 -6.43 26.68
CA ALA A 502 13.02 -6.51 27.85
C ALA A 502 12.21 -5.25 27.94
N LEU A 503 12.93 -4.13 28.00
CA LEU A 503 12.28 -2.83 28.09
C LEU A 503 11.19 -2.64 27.03
N GLY A 504 11.61 -2.52 25.77
CA GLY A 504 10.67 -2.31 24.67
C GLY A 504 9.40 -3.14 24.71
N ILE A 505 9.55 -4.44 24.99
CA ILE A 505 8.40 -5.33 25.08
C ILE A 505 7.40 -4.78 26.08
N ILE A 506 7.90 -4.39 27.26
CA ILE A 506 7.04 -3.83 28.31
C ILE A 506 6.60 -2.40 27.96
N GLN A 507 7.55 -1.57 27.53
CA GLN A 507 7.25 -0.20 27.17
C GLN A 507 6.39 -0.18 25.90
N ALA A 508 5.80 -1.32 25.60
CA ALA A 508 4.92 -1.45 24.45
C ALA A 508 3.53 -1.59 25.05
N GLN A 509 3.49 -1.77 26.37
CA GLN A 509 2.25 -1.98 27.11
C GLN A 509 1.41 -2.99 26.35
N PRO A 510 2.07 -4.04 25.80
CA PRO A 510 1.40 -5.09 25.04
C PRO A 510 0.69 -6.13 25.89
N ASP A 511 -0.61 -5.95 26.06
CA ASP A 511 -1.42 -6.89 26.83
C ASP A 511 -1.82 -7.98 25.86
N LYS A 512 -2.33 -9.08 26.41
CA LYS A 512 -2.84 -10.16 25.59
C LYS A 512 -1.85 -11.13 24.97
N SER A 513 -0.59 -11.14 25.40
CA SER A 513 0.38 -12.06 24.79
C SER A 513 0.09 -13.55 25.04
N GLU A 514 0.77 -14.47 24.37
CA GLU A 514 0.67 -15.91 24.59
C GLU A 514 1.74 -16.30 25.62
N SER A 515 2.98 -15.89 25.34
CA SER A 515 4.13 -16.17 26.19
C SER A 515 3.82 -16.01 27.67
N GLU A 516 3.64 -17.13 28.35
CA GLU A 516 3.35 -17.18 29.77
C GLU A 516 4.16 -16.12 30.50
N LEU A 517 5.46 -16.04 30.18
CA LEU A 517 6.36 -15.08 30.82
C LEU A 517 5.86 -13.63 30.74
N VAL A 518 5.53 -13.17 29.55
CA VAL A 518 5.06 -11.81 29.38
C VAL A 518 3.83 -11.61 30.25
N ASN A 519 2.80 -12.41 30.02
CA ASN A 519 1.55 -12.33 30.78
C ASN A 519 1.76 -12.30 32.27
N GLN A 520 2.79 -12.99 32.77
CA GLN A 520 3.08 -13.00 34.21
C GLN A 520 3.57 -11.61 34.58
N ILE A 521 4.51 -11.12 33.78
CA ILE A 521 5.03 -9.79 33.92
C ILE A 521 3.83 -8.80 33.79
N ILE A 522 3.05 -8.94 32.72
CA ILE A 522 1.88 -8.09 32.49
C ILE A 522 0.91 -8.21 33.66
N GLU A 523 0.73 -9.42 34.17
CA GLU A 523 -0.15 -9.66 35.29
C GLU A 523 0.37 -8.92 36.52
N GLN A 524 1.67 -9.10 36.80
CA GLN A 524 2.37 -8.46 37.92
C GLN A 524 2.39 -6.95 37.80
N LEU A 525 2.38 -6.42 36.58
CA LEU A 525 2.34 -4.98 36.38
C LEU A 525 0.98 -4.50 36.90
N ILE A 526 -0.07 -5.14 36.41
CA ILE A 526 -1.44 -4.86 36.82
C ILE A 526 -1.53 -4.64 38.34
N LYS A 527 -1.10 -5.65 39.08
CA LYS A 527 -1.15 -5.64 40.54
C LYS A 527 -0.41 -4.48 41.17
N LYS A 528 0.75 -4.09 40.60
CA LYS A 528 1.56 -2.98 41.11
C LYS A 528 0.82 -1.66 41.02
N GLU A 529 1.14 -0.74 41.93
CA GLU A 529 0.51 0.59 41.90
C GLU A 529 1.28 1.50 40.96
N LYS A 530 2.54 1.73 41.29
CA LYS A 530 3.38 2.56 40.47
C LYS A 530 4.67 1.83 40.12
N VAL A 531 4.96 1.75 38.82
CA VAL A 531 6.18 1.10 38.34
C VAL A 531 6.92 1.96 37.34
N TYR A 532 8.22 2.02 37.52
CA TYR A 532 9.07 2.82 36.62
C TYR A 532 10.21 1.91 36.14
N LEU A 533 10.28 1.72 34.84
CA LEU A 533 11.31 0.88 34.23
C LEU A 533 12.43 1.72 33.66
N ALA A 534 13.67 1.38 33.99
CA ALA A 534 14.77 2.16 33.48
C ALA A 534 15.83 1.33 32.71
N TRP A 535 16.31 1.92 31.62
CA TRP A 535 17.33 1.27 30.80
C TRP A 535 18.69 1.98 30.80
N VAL A 536 19.72 1.24 31.14
CA VAL A 536 21.05 1.82 31.14
C VAL A 536 21.97 0.92 30.32
N PRO A 537 22.95 1.50 29.60
CA PRO A 537 23.85 0.65 28.82
C PRO A 537 24.70 -0.27 29.73
N ALA A 538 24.58 -1.58 29.54
CA ALA A 538 25.32 -2.52 30.36
C ALA A 538 26.77 -2.57 29.92
N HIS A 539 27.62 -3.05 30.83
CA HIS A 539 29.05 -3.16 30.55
C HIS A 539 29.68 -1.77 30.34
N LYS A 540 29.07 -0.76 30.96
CA LYS A 540 29.57 0.62 30.85
C LYS A 540 29.86 1.34 32.16
N GLY A 541 30.45 0.59 33.09
CA GLY A 541 30.87 1.10 34.39
C GLY A 541 29.86 1.62 35.39
N ILE A 542 28.56 1.42 35.15
CA ILE A 542 27.58 1.91 36.12
C ILE A 542 27.96 1.30 37.45
N GLY A 543 28.65 2.06 38.29
CA GLY A 543 29.05 1.53 39.57
C GLY A 543 27.88 0.91 40.32
N GLY A 544 26.68 1.00 39.72
CA GLY A 544 25.45 0.48 40.31
C GLY A 544 24.84 -0.67 39.50
N ASN A 545 25.14 -0.72 38.19
CA ASN A 545 24.67 -1.78 37.26
C ASN A 545 25.72 -2.84 37.00
N GLU A 546 26.98 -2.44 37.10
CA GLU A 546 28.08 -3.34 36.86
C GLU A 546 28.12 -4.31 38.02
N GLN A 547 26.93 -4.59 38.53
CA GLN A 547 26.68 -5.47 39.63
C GLN A 547 26.04 -6.77 39.16
N VAL A 548 24.73 -6.72 38.96
CA VAL A 548 23.97 -7.87 38.49
C VAL A 548 24.58 -8.21 37.11
N ASP A 549 25.22 -7.21 36.51
CA ASP A 549 25.86 -7.32 35.21
C ASP A 549 27.09 -8.23 35.34
N LYS A 550 27.46 -8.51 36.58
CA LYS A 550 28.60 -9.37 36.92
C LYS A 550 28.15 -10.56 37.81
N LEU A 551 27.01 -10.41 38.48
CA LEU A 551 26.44 -11.45 39.36
C LEU A 551 25.80 -12.50 38.44
N VAL A 552 25.40 -12.04 37.26
CA VAL A 552 24.77 -12.85 36.24
C VAL A 552 25.19 -12.28 34.88
N PRO B 1 -2.56 18.40 -42.53
CA PRO B 1 -3.14 17.79 -41.31
C PRO B 1 -2.33 18.12 -40.05
N ILE B 2 -1.01 18.03 -40.17
CA ILE B 2 -0.11 18.31 -39.05
C ILE B 2 1.27 18.79 -39.57
N SER B 3 1.97 19.61 -38.76
CA SER B 3 3.26 20.16 -39.19
C SER B 3 4.44 19.25 -38.86
N PRO B 4 5.68 19.69 -39.11
CA PRO B 4 6.87 18.91 -38.78
C PRO B 4 6.87 18.52 -37.30
N ILE B 5 6.49 17.29 -37.02
CA ILE B 5 6.41 16.70 -35.67
C ILE B 5 7.75 16.17 -35.20
N GLU B 6 8.64 17.01 -34.68
CA GLU B 6 9.88 16.41 -34.23
C GLU B 6 9.92 16.32 -32.73
N THR B 7 9.88 15.07 -32.29
CA THR B 7 9.88 14.67 -30.92
C THR B 7 11.19 13.95 -30.69
N VAL B 8 11.70 14.11 -29.49
CA VAL B 8 12.92 13.49 -29.03
C VAL B 8 12.56 12.03 -28.78
N PRO B 9 13.10 11.11 -29.59
CA PRO B 9 12.77 9.70 -29.37
C PRO B 9 13.36 9.23 -28.05
N VAL B 10 12.54 8.57 -27.22
CA VAL B 10 12.99 8.08 -25.93
C VAL B 10 13.07 6.57 -25.89
N LYS B 11 14.03 6.08 -25.11
CA LYS B 11 14.24 4.66 -24.97
C LYS B 11 14.52 4.33 -23.51
N LEU B 12 14.22 3.09 -23.14
CA LEU B 12 14.47 2.58 -21.79
C LEU B 12 15.76 1.80 -22.07
N LYS B 13 16.66 1.68 -21.10
CA LYS B 13 17.83 0.93 -21.47
C LYS B 13 17.51 -0.55 -21.48
N PRO B 14 18.29 -1.29 -22.27
CA PRO B 14 18.17 -2.75 -22.49
C PRO B 14 18.09 -3.55 -21.21
N GLY B 15 16.98 -4.29 -21.07
CA GLY B 15 16.75 -5.11 -19.90
C GLY B 15 15.60 -4.70 -19.02
N MET B 16 14.96 -3.57 -19.34
CA MET B 16 13.84 -3.05 -18.56
C MET B 16 12.62 -2.84 -19.42
N ASP B 17 11.50 -3.26 -18.89
CA ASP B 17 10.24 -3.15 -19.58
C ASP B 17 9.37 -2.06 -18.96
N GLY B 18 8.46 -1.50 -19.76
CA GLY B 18 7.56 -0.48 -19.28
C GLY B 18 6.98 -0.86 -17.93
N PRO B 19 6.43 0.11 -17.18
CA PRO B 19 5.86 -0.15 -15.85
C PRO B 19 4.52 -0.87 -15.86
N LYS B 20 4.33 -1.74 -14.87
CA LYS B 20 3.08 -2.48 -14.75
C LYS B 20 2.69 -2.41 -13.30
N VAL B 21 2.19 -1.25 -12.89
CA VAL B 21 1.81 -1.00 -11.50
C VAL B 21 0.29 -0.94 -11.28
N LYS B 22 -0.17 -1.54 -10.19
CA LYS B 22 -1.57 -1.64 -9.86
C LYS B 22 -2.17 -0.32 -9.46
N GLN B 23 -3.27 0.06 -10.13
CA GLN B 23 -3.98 1.29 -9.83
C GLN B 23 -4.69 1.15 -8.50
N TRP B 24 -4.45 2.09 -7.59
CA TRP B 24 -5.08 2.07 -6.28
C TRP B 24 -6.57 2.39 -6.34
N PRO B 25 -7.33 1.90 -5.37
CA PRO B 25 -8.77 2.15 -5.29
C PRO B 25 -8.97 3.54 -4.67
N LEU B 26 -9.63 4.44 -5.39
CA LEU B 26 -9.87 5.79 -4.90
C LEU B 26 -11.29 6.04 -4.42
N THR B 27 -11.46 7.12 -3.64
CA THR B 27 -12.77 7.52 -3.12
C THR B 27 -13.62 8.01 -4.28
N GLU B 28 -14.91 7.69 -4.25
CA GLU B 28 -15.80 8.08 -5.34
C GLU B 28 -15.63 9.57 -5.68
N GLU B 29 -15.14 10.33 -4.69
CA GLU B 29 -14.93 11.77 -4.88
C GLU B 29 -13.85 12.00 -5.89
N LYS B 30 -12.65 11.52 -5.52
CA LYS B 30 -11.47 11.65 -6.39
C LYS B 30 -11.67 11.08 -7.81
N ILE B 31 -12.40 9.99 -7.92
CA ILE B 31 -12.64 9.40 -9.22
C ILE B 31 -13.32 10.42 -10.13
N LYS B 32 -14.45 10.92 -9.67
CA LYS B 32 -15.23 11.87 -10.44
C LYS B 32 -14.46 13.06 -10.93
N ALA B 33 -13.47 13.46 -10.13
CA ALA B 33 -12.63 14.60 -10.52
C ALA B 33 -11.70 14.10 -11.59
N LEU B 34 -11.01 13.00 -11.28
CA LEU B 34 -10.11 12.39 -12.26
C LEU B 34 -10.87 12.11 -13.57
N VAL B 35 -12.17 11.87 -13.46
CA VAL B 35 -12.98 11.60 -14.63
C VAL B 35 -13.09 12.85 -15.48
N GLU B 36 -13.43 13.98 -14.86
CA GLU B 36 -13.60 15.23 -15.64
C GLU B 36 -12.29 15.68 -16.25
N ILE B 37 -11.26 15.64 -15.44
CA ILE B 37 -9.90 16.03 -15.88
C ILE B 37 -9.49 15.32 -17.19
N CYS B 38 -9.46 14.00 -17.20
CA CYS B 38 -9.12 13.31 -18.42
C CYS B 38 -10.15 13.57 -19.51
N THR B 39 -11.42 13.59 -19.15
CA THR B 39 -12.47 13.81 -20.13
C THR B 39 -12.10 15.03 -20.93
N GLU B 40 -11.58 16.02 -20.21
CA GLU B 40 -11.18 17.31 -20.78
C GLU B 40 -9.84 17.19 -21.53
N MET B 41 -8.87 16.51 -20.91
CA MET B 41 -7.58 16.34 -21.56
C MET B 41 -7.76 15.57 -22.88
N GLU B 42 -8.50 14.45 -22.84
CA GLU B 42 -8.71 13.66 -24.01
C GLU B 42 -9.23 14.64 -25.04
N LYS B 43 -10.09 15.52 -24.59
CA LYS B 43 -10.69 16.52 -25.45
C LYS B 43 -9.60 17.49 -25.93
N GLU B 44 -8.67 17.85 -25.05
CA GLU B 44 -7.60 18.77 -25.39
C GLU B 44 -6.59 18.13 -26.36
N GLY B 45 -6.59 16.79 -26.39
CA GLY B 45 -5.66 16.09 -27.25
C GLY B 45 -4.51 15.58 -26.41
N LYS B 46 -4.31 16.19 -25.25
CA LYS B 46 -3.22 15.80 -24.36
C LYS B 46 -3.12 14.29 -24.12
N ILE B 47 -4.26 13.61 -24.02
CA ILE B 47 -4.25 12.16 -23.81
C ILE B 47 -5.24 11.42 -24.72
N SER B 48 -5.21 10.08 -24.67
CA SER B 48 -6.09 9.22 -25.49
C SER B 48 -6.44 7.92 -24.80
N LYS B 49 -7.60 7.38 -25.17
CA LYS B 49 -8.06 6.13 -24.57
C LYS B 49 -7.32 4.98 -25.26
N ILE B 50 -7.08 3.90 -24.52
CA ILE B 50 -6.40 2.74 -25.06
C ILE B 50 -7.14 1.44 -24.75
N GLY B 51 -6.66 0.37 -25.39
CA GLY B 51 -7.27 -0.94 -25.24
C GLY B 51 -6.52 -1.88 -24.34
N PRO B 52 -6.77 -3.19 -24.52
CA PRO B 52 -6.11 -4.25 -23.73
C PRO B 52 -4.71 -4.59 -24.28
N GLU B 53 -4.38 -4.10 -25.48
CA GLU B 53 -3.10 -4.32 -26.09
C GLU B 53 -1.99 -3.39 -25.53
N ASN B 54 -2.17 -2.93 -24.30
CA ASN B 54 -1.21 -2.06 -23.63
C ASN B 54 -1.25 -2.59 -22.21
N PRO B 55 -0.39 -3.53 -21.90
CA PRO B 55 -0.28 -4.19 -20.59
C PRO B 55 0.24 -3.24 -19.52
N TYR B 56 0.76 -2.11 -19.98
CA TYR B 56 1.34 -1.12 -19.06
C TYR B 56 0.37 -0.26 -18.24
N ASN B 57 0.84 0.20 -17.07
CA ASN B 57 0.02 1.09 -16.24
C ASN B 57 0.68 1.64 -14.98
N THR B 58 0.58 2.96 -14.82
CA THR B 58 1.13 3.65 -13.63
C THR B 58 -0.03 4.20 -12.81
N PRO B 59 0.07 4.17 -11.48
CA PRO B 59 -0.95 4.66 -10.54
C PRO B 59 -1.22 6.15 -10.71
N VAL B 60 -2.48 6.57 -10.62
CA VAL B 60 -2.81 8.00 -10.71
C VAL B 60 -3.69 8.43 -9.53
N PHE B 61 -3.36 9.57 -8.92
CA PHE B 61 -4.15 10.03 -7.79
C PHE B 61 -4.81 11.36 -8.05
N ALA B 62 -5.46 11.87 -7.00
CA ALA B 62 -6.11 13.17 -7.16
C ALA B 62 -5.88 13.98 -5.88
N ILE B 63 -5.35 15.20 -6.02
CA ILE B 63 -5.10 16.04 -4.86
C ILE B 63 -5.39 17.50 -5.15
N LYS B 64 -5.80 18.19 -4.11
CA LYS B 64 -6.12 19.61 -4.22
C LYS B 64 -4.86 20.46 -4.42
N LYS B 65 -4.95 21.62 -5.07
CA LYS B 65 -3.72 22.41 -5.21
C LYS B 65 -3.59 22.99 -3.83
N LYS B 66 -4.22 24.10 -3.54
CA LYS B 66 -4.17 24.57 -2.17
C LYS B 66 -5.59 25.08 -2.14
N ASP B 67 -6.15 25.06 -3.35
CA ASP B 67 -7.49 25.47 -3.68
C ASP B 67 -8.46 24.36 -3.32
N SER B 68 -8.85 24.25 -2.06
CA SER B 68 -9.85 23.23 -1.78
C SER B 68 -11.16 23.59 -2.50
N THR B 69 -11.04 23.75 -3.82
CA THR B 69 -12.12 24.07 -4.73
C THR B 69 -12.02 23.10 -5.90
N LYS B 70 -10.83 23.07 -6.52
CA LYS B 70 -10.55 22.19 -7.68
C LYS B 70 -9.36 21.20 -7.52
N TRP B 71 -9.54 20.00 -8.11
CA TRP B 71 -8.54 18.93 -8.05
C TRP B 71 -7.56 18.94 -9.23
N ARG B 72 -6.41 18.29 -9.02
CA ARG B 72 -5.41 18.18 -10.07
C ARG B 72 -4.85 16.77 -10.05
N LYS B 73 -4.79 16.15 -11.24
CA LYS B 73 -4.26 14.78 -11.40
C LYS B 73 -2.75 14.64 -11.12
N LEU B 74 -2.42 13.67 -10.29
CA LEU B 74 -1.04 13.44 -9.93
C LEU B 74 -0.65 11.99 -10.21
N VAL B 75 -0.13 11.71 -11.41
CA VAL B 75 0.35 10.36 -11.81
C VAL B 75 1.66 9.96 -11.10
N ASP B 76 1.71 8.77 -10.53
CA ASP B 76 2.87 8.32 -9.79
C ASP B 76 3.89 7.66 -10.70
N PHE B 77 4.53 8.48 -11.53
CA PHE B 77 5.57 8.03 -12.44
C PHE B 77 6.88 7.69 -11.73
N ARG B 78 6.80 7.03 -10.58
CA ARG B 78 8.01 6.65 -9.86
C ARG B 78 8.67 5.46 -10.54
N GLU B 79 7.88 4.67 -11.24
CA GLU B 79 8.44 3.52 -11.90
C GLU B 79 8.92 3.84 -13.31
N LEU B 80 8.04 4.47 -14.11
CA LEU B 80 8.42 4.82 -15.49
C LEU B 80 9.71 5.59 -15.45
N ASN B 81 9.99 6.20 -14.30
CA ASN B 81 11.21 6.98 -14.12
C ASN B 81 12.46 6.11 -14.14
N LYS B 82 12.66 5.37 -13.07
CA LYS B 82 13.81 4.49 -12.95
C LYS B 82 14.07 3.74 -14.27
N ARG B 83 13.03 3.53 -15.06
CA ARG B 83 13.24 2.80 -16.27
C ARG B 83 13.55 3.67 -17.47
N THR B 84 13.78 4.96 -17.23
CA THR B 84 14.09 5.89 -18.31
C THR B 84 15.30 6.72 -17.86
N GLN B 85 15.57 6.68 -16.56
CA GLN B 85 16.67 7.39 -15.90
C GLN B 85 17.93 7.63 -16.73
N ASP B 86 18.44 6.56 -17.34
CA ASP B 86 19.61 6.62 -18.20
C ASP B 86 19.38 7.73 -19.22
N PHE B 87 18.14 8.14 -19.35
CA PHE B 87 17.76 9.16 -20.29
C PHE B 87 17.63 10.54 -19.64
N TRP B 88 16.81 10.62 -18.59
CA TRP B 88 16.61 11.90 -17.91
C TRP B 88 17.74 12.31 -16.97
N GLU B 89 18.75 11.46 -16.83
CA GLU B 89 19.86 11.79 -15.94
C GLU B 89 21.20 11.69 -16.62
N VAL B 90 21.25 10.89 -17.67
CA VAL B 90 22.48 10.69 -18.42
C VAL B 90 22.45 11.56 -19.65
N GLN B 91 21.74 11.08 -20.67
CA GLN B 91 21.66 11.81 -21.91
C GLN B 91 21.36 13.30 -21.77
N LEU B 92 20.10 13.63 -21.50
CA LEU B 92 19.66 15.02 -21.41
C LEU B 92 19.53 15.62 -20.01
N GLY B 93 20.35 15.13 -19.08
CA GLY B 93 20.35 15.62 -17.69
C GLY B 93 20.40 17.12 -17.47
N ILE B 94 20.00 17.53 -16.26
CA ILE B 94 19.97 18.95 -15.88
C ILE B 94 20.94 19.20 -14.70
N PRO B 95 22.04 19.94 -14.95
CA PRO B 95 23.04 20.23 -13.90
C PRO B 95 22.44 20.97 -12.69
N HIS B 96 22.96 20.69 -11.49
CA HIS B 96 22.47 21.33 -10.27
C HIS B 96 23.42 22.36 -9.63
N PRO B 97 23.09 23.66 -9.74
CA PRO B 97 23.88 24.77 -9.20
C PRO B 97 24.04 24.78 -7.66
N ALA B 98 25.27 24.59 -7.20
CA ALA B 98 25.59 24.53 -5.77
C ALA B 98 25.39 25.84 -4.99
N GLY B 99 25.15 26.92 -5.73
CA GLY B 99 24.98 28.19 -5.05
C GLY B 99 23.56 28.45 -4.61
N LEU B 100 22.63 27.85 -5.35
CA LEU B 100 21.21 27.98 -5.08
C LEU B 100 20.91 27.89 -3.56
N LYS B 101 21.56 26.97 -2.88
CA LYS B 101 21.35 26.76 -1.45
C LYS B 101 21.89 27.89 -0.59
N LYS B 102 22.54 28.87 -1.24
CA LYS B 102 23.16 29.99 -0.55
C LYS B 102 22.37 31.28 -0.53
N LYS B 103 21.74 31.58 -1.66
CA LYS B 103 20.90 32.78 -1.76
C LYS B 103 20.00 32.91 -0.52
N LYS B 104 19.51 34.11 -0.24
CA LYS B 104 18.66 34.31 0.94
C LYS B 104 17.22 33.93 0.71
N SER B 105 16.79 33.93 -0.54
CA SER B 105 15.41 33.58 -0.85
C SER B 105 15.31 32.76 -2.10
N VAL B 106 14.47 31.73 -2.03
CA VAL B 106 14.23 30.84 -3.17
C VAL B 106 12.70 30.68 -3.31
N THR B 107 12.18 31.13 -4.43
CA THR B 107 10.77 30.99 -4.67
C THR B 107 10.62 29.85 -5.66
N VAL B 108 9.83 28.84 -5.33
CA VAL B 108 9.65 27.74 -6.23
C VAL B 108 8.32 27.94 -6.96
N LEU B 109 8.37 28.01 -8.28
CA LEU B 109 7.16 28.13 -9.09
C LEU B 109 6.97 27.00 -10.14
N ASP B 110 5.70 26.62 -10.32
CA ASP B 110 5.22 25.57 -11.23
C ASP B 110 5.47 25.92 -12.70
N VAL B 111 5.96 24.98 -13.50
CA VAL B 111 6.16 25.29 -14.92
C VAL B 111 5.57 24.14 -15.72
N GLY B 112 4.98 23.21 -14.98
CA GLY B 112 4.38 22.02 -15.56
C GLY B 112 3.56 22.17 -16.83
N ASP B 113 2.93 23.33 -17.01
CA ASP B 113 2.09 23.54 -18.17
C ASP B 113 2.94 23.72 -19.46
N ALA B 114 4.17 24.16 -19.30
CA ALA B 114 4.99 24.38 -20.47
C ALA B 114 5.19 23.07 -21.21
N TYR B 115 4.87 21.97 -20.52
CA TYR B 115 5.04 20.56 -21.00
C TYR B 115 3.93 20.00 -21.88
N PHE B 116 2.73 20.44 -21.69
CA PHE B 116 1.64 19.92 -22.48
C PHE B 116 1.63 20.56 -23.87
N SER B 117 2.76 21.06 -24.37
CA SER B 117 2.75 21.67 -25.68
C SER B 117 3.75 20.91 -26.54
N VAL B 118 4.47 20.00 -25.87
CA VAL B 118 5.48 19.21 -26.53
C VAL B 118 5.06 17.73 -26.68
N PRO B 119 4.87 17.28 -27.92
CA PRO B 119 4.47 15.91 -28.21
C PRO B 119 5.49 14.90 -27.72
N LEU B 120 4.98 13.76 -27.24
CA LEU B 120 5.80 12.70 -26.71
C LEU B 120 6.15 11.72 -27.81
N ASP B 121 7.37 11.20 -27.75
CA ASP B 121 7.84 10.23 -28.75
C ASP B 121 6.88 9.07 -29.02
N GLU B 122 6.33 9.05 -30.24
CA GLU B 122 5.38 8.03 -30.65
C GLU B 122 5.55 6.69 -29.97
N ASP B 123 6.66 6.03 -30.29
CA ASP B 123 6.99 4.69 -29.76
C ASP B 123 7.19 4.60 -28.24
N PHE B 124 6.83 5.64 -27.50
CA PHE B 124 7.04 5.64 -26.06
C PHE B 124 5.76 5.91 -25.26
N ARG B 125 4.82 6.59 -25.91
CA ARG B 125 3.56 6.96 -25.30
C ARG B 125 2.92 5.80 -24.59
N LYS B 126 3.11 4.62 -25.14
CA LYS B 126 2.55 3.40 -24.57
C LYS B 126 2.92 3.08 -23.11
N TYR B 127 4.00 3.67 -22.60
CA TYR B 127 4.43 3.39 -21.24
C TYR B 127 3.83 4.35 -20.21
N THR B 128 3.17 5.37 -20.73
CA THR B 128 2.56 6.38 -19.89
C THR B 128 1.09 6.11 -19.80
N ALA B 129 0.73 4.85 -19.61
CA ALA B 129 -0.67 4.53 -19.55
C ALA B 129 -1.12 4.49 -18.12
N PHE B 130 -2.33 4.99 -17.89
CA PHE B 130 -2.88 4.95 -16.55
C PHE B 130 -4.36 4.57 -16.57
N THR B 131 -4.86 4.12 -15.43
CA THR B 131 -6.23 3.67 -15.31
C THR B 131 -6.99 4.46 -14.26
N ILE B 132 -8.19 4.90 -14.61
CA ILE B 132 -9.04 5.61 -13.67
C ILE B 132 -9.94 4.52 -13.07
N PRO B 133 -9.71 4.14 -11.80
CA PRO B 133 -10.49 3.10 -11.10
C PRO B 133 -12.01 3.14 -11.13
N SER B 134 -12.62 2.01 -10.72
CA SER B 134 -14.08 1.85 -10.68
C SER B 134 -14.57 1.38 -9.31
N ILE B 135 -15.60 2.03 -8.78
CA ILE B 135 -16.10 1.67 -7.46
C ILE B 135 -16.56 0.22 -7.49
N ASN B 136 -16.21 -0.53 -6.47
CA ASN B 136 -16.57 -1.93 -6.40
C ASN B 136 -16.32 -2.75 -7.67
N ASN B 137 -15.28 -2.43 -8.43
CA ASN B 137 -14.98 -3.17 -9.65
C ASN B 137 -16.19 -3.22 -10.57
N GLU B 138 -17.18 -2.38 -10.32
CA GLU B 138 -18.38 -2.38 -11.15
C GLU B 138 -17.99 -2.62 -12.60
N THR B 139 -17.42 -1.61 -13.22
CA THR B 139 -17.03 -1.74 -14.61
C THR B 139 -15.53 -1.73 -14.64
N PRO B 140 -14.95 -1.98 -15.84
CA PRO B 140 -13.49 -1.94 -15.99
C PRO B 140 -13.02 -0.47 -15.92
N GLY B 141 -11.83 -0.26 -15.35
CA GLY B 141 -11.32 1.08 -15.25
C GLY B 141 -11.19 1.73 -16.64
N ILE B 142 -10.81 3.02 -16.63
CA ILE B 142 -10.60 3.75 -17.88
C ILE B 142 -9.10 3.78 -18.20
N ARG B 143 -8.82 3.64 -19.48
CA ARG B 143 -7.46 3.55 -19.93
C ARG B 143 -7.04 4.70 -20.81
N TYR B 144 -6.01 5.39 -20.36
CA TYR B 144 -5.50 6.51 -21.13
C TYR B 144 -3.98 6.40 -21.17
N GLN B 145 -3.39 6.99 -22.19
CA GLN B 145 -1.95 7.04 -22.34
C GLN B 145 -1.69 8.43 -22.90
N TYR B 146 -0.54 9.01 -22.61
CA TYR B 146 -0.25 10.37 -23.05
C TYR B 146 0.14 10.63 -24.52
N ASN B 147 0.09 11.90 -24.93
CA ASN B 147 0.46 12.31 -26.28
C ASN B 147 1.36 13.53 -26.26
N VAL B 148 1.64 14.01 -25.05
CA VAL B 148 2.48 15.18 -24.82
C VAL B 148 3.36 14.88 -23.60
N LEU B 149 4.40 15.66 -23.37
CA LEU B 149 5.24 15.40 -22.20
C LEU B 149 4.38 15.49 -20.94
N PRO B 150 4.21 14.37 -20.22
CA PRO B 150 3.38 14.43 -19.01
C PRO B 150 4.14 14.85 -17.75
N GLN B 151 3.53 15.74 -16.96
CA GLN B 151 4.13 16.17 -15.70
C GLN B 151 4.41 14.92 -14.89
N GLY B 152 5.41 14.97 -14.03
CA GLY B 152 5.71 13.81 -13.22
C GLY B 152 6.75 12.94 -13.87
N TRP B 153 6.79 12.92 -15.20
CA TRP B 153 7.80 12.09 -15.84
C TRP B 153 9.10 12.89 -15.94
N LYS B 154 10.15 12.38 -15.30
CA LYS B 154 11.44 13.07 -15.29
C LYS B 154 12.06 13.32 -16.64
N GLY B 155 11.32 13.04 -17.70
CA GLY B 155 11.85 13.25 -19.02
C GLY B 155 11.21 14.50 -19.58
N SER B 156 9.97 14.76 -19.14
CA SER B 156 9.24 15.93 -19.61
C SER B 156 10.16 17.13 -19.49
N PRO B 157 10.84 17.27 -18.35
CA PRO B 157 11.75 18.40 -18.16
C PRO B 157 13.02 18.30 -18.99
N ALA B 158 13.71 17.16 -18.94
CA ALA B 158 14.97 16.98 -19.68
C ALA B 158 14.79 17.24 -21.15
N ILE B 159 13.58 17.04 -21.64
CA ILE B 159 13.30 17.28 -23.03
C ILE B 159 13.07 18.74 -23.25
N PHE B 160 12.37 19.35 -22.31
CA PHE B 160 12.05 20.77 -22.38
C PHE B 160 13.28 21.64 -22.09
N GLN B 161 14.30 21.05 -21.45
CA GLN B 161 15.48 21.79 -21.09
C GLN B 161 15.92 22.79 -22.15
N SER B 162 15.81 22.47 -23.41
CA SER B 162 16.27 23.43 -24.39
C SER B 162 15.30 24.60 -24.53
N SER B 163 14.05 24.34 -24.88
CA SER B 163 13.12 25.43 -25.08
C SER B 163 13.12 26.35 -23.88
N MET B 164 13.28 25.75 -22.71
CA MET B 164 13.27 26.45 -21.44
C MET B 164 14.42 27.42 -21.33
N THR B 165 15.61 26.90 -21.07
CA THR B 165 16.79 27.77 -20.92
C THR B 165 16.86 28.86 -22.02
N LYS B 166 16.32 28.56 -23.18
CA LYS B 166 16.28 29.51 -24.28
C LYS B 166 15.34 30.67 -23.89
N ILE B 167 14.28 30.38 -23.16
CA ILE B 167 13.33 31.41 -22.73
C ILE B 167 13.97 32.22 -21.63
N LEU B 168 14.73 31.55 -20.77
CA LEU B 168 15.38 32.21 -19.68
C LEU B 168 16.58 32.99 -20.21
N GLU B 169 16.89 32.78 -21.47
CA GLU B 169 18.04 33.44 -22.09
C GLU B 169 18.07 34.96 -21.97
N PRO B 170 16.91 35.64 -22.07
CA PRO B 170 17.10 37.08 -21.92
C PRO B 170 17.15 37.49 -20.47
N PHE B 171 16.27 36.90 -19.67
CA PHE B 171 16.18 37.25 -18.26
C PHE B 171 17.46 36.96 -17.47
N LYS B 172 18.11 35.84 -17.77
CA LYS B 172 19.30 35.49 -17.02
C LYS B 172 20.52 36.37 -17.29
N LYS B 173 20.63 36.86 -18.52
CA LYS B 173 21.75 37.74 -18.83
C LYS B 173 21.55 38.98 -18.00
N GLN B 174 20.38 39.59 -18.17
CA GLN B 174 20.03 40.81 -17.47
C GLN B 174 19.97 40.74 -15.94
N ASN B 175 19.63 39.60 -15.36
CA ASN B 175 19.65 39.49 -13.89
C ASN B 175 20.66 38.37 -13.66
N PRO B 176 21.97 38.64 -13.83
CA PRO B 176 23.00 37.61 -13.65
C PRO B 176 23.41 37.14 -12.25
N ASP B 177 22.64 37.47 -11.23
CA ASP B 177 22.97 36.99 -9.88
C ASP B 177 21.91 36.03 -9.35
N ILE B 178 20.86 35.84 -10.16
CA ILE B 178 19.77 34.94 -9.80
C ILE B 178 20.02 33.51 -10.32
N VAL B 179 19.73 32.53 -9.46
CA VAL B 179 19.90 31.12 -9.81
C VAL B 179 18.56 30.56 -10.25
N ILE B 180 18.58 29.68 -11.25
CA ILE B 180 17.34 29.08 -11.72
C ILE B 180 17.54 27.61 -12.03
N TYR B 181 17.20 26.77 -11.05
CA TYR B 181 17.28 25.32 -11.20
C TYR B 181 15.90 24.75 -11.60
N GLN B 182 15.84 24.04 -12.72
CA GLN B 182 14.58 23.43 -13.14
C GLN B 182 14.64 22.00 -12.64
N TYR B 183 13.77 21.64 -11.72
CA TYR B 183 13.68 20.28 -11.20
C TYR B 183 12.28 19.87 -11.50
N MET B 184 12.16 18.97 -12.48
CA MET B 184 10.87 18.53 -12.92
C MET B 184 10.09 19.80 -13.25
N ASP B 185 8.80 19.71 -13.02
CA ASP B 185 7.78 20.75 -13.22
C ASP B 185 8.01 22.05 -12.42
N ASP B 186 8.69 21.91 -11.30
CA ASP B 186 8.98 23.03 -10.42
C ASP B 186 10.20 23.80 -10.94
N LEU B 187 10.21 25.12 -10.75
CA LEU B 187 11.33 25.92 -11.20
C LEU B 187 11.74 26.64 -9.93
N TYR B 188 13.03 26.61 -9.59
CA TYR B 188 13.51 27.28 -8.36
C TYR B 188 14.30 28.56 -8.67
N VAL B 189 13.80 29.70 -8.19
CA VAL B 189 14.44 31.01 -8.40
C VAL B 189 15.07 31.44 -7.09
N GLY B 190 16.39 31.60 -7.12
CA GLY B 190 17.14 31.98 -5.93
C GLY B 190 17.93 33.27 -6.07
N SER B 191 17.89 34.06 -5.02
CA SER B 191 18.56 35.34 -5.03
C SER B 191 18.78 35.86 -3.63
N ASP B 192 19.35 37.06 -3.58
CA ASP B 192 19.68 37.69 -2.32
C ASP B 192 19.13 39.11 -2.19
N LEU B 193 17.88 39.36 -2.60
CA LEU B 193 17.37 40.70 -2.47
C LEU B 193 16.55 40.83 -1.22
N GLU B 194 15.90 42.00 -1.14
CA GLU B 194 15.02 42.22 -0.05
C GLU B 194 13.95 41.14 -0.25
N ILE B 195 13.30 40.72 0.81
CA ILE B 195 12.22 39.78 0.76
C ILE B 195 11.08 40.52 0.11
N GLY B 196 11.36 41.78 -0.22
CA GLY B 196 10.37 42.62 -0.86
C GLY B 196 10.62 42.63 -2.35
N GLN B 197 11.88 42.87 -2.70
CA GLN B 197 12.30 42.93 -4.09
C GLN B 197 12.32 41.53 -4.69
N HIS B 198 12.83 40.59 -3.91
CA HIS B 198 12.91 39.23 -4.34
C HIS B 198 11.53 38.77 -4.85
N ARG B 199 10.48 39.45 -4.40
CA ARG B 199 9.13 39.11 -4.81
C ARG B 199 8.79 39.90 -6.05
N THR B 200 9.74 40.71 -6.50
CA THR B 200 9.53 41.54 -7.68
C THR B 200 10.27 40.96 -8.86
N LYS B 201 11.51 40.50 -8.62
CA LYS B 201 12.29 39.93 -9.72
C LYS B 201 11.57 38.68 -10.17
N ILE B 202 10.95 38.03 -9.19
CA ILE B 202 10.17 36.84 -9.47
C ILE B 202 9.12 37.29 -10.47
N GLU B 203 8.34 38.28 -10.07
CA GLU B 203 7.29 38.81 -10.90
C GLU B 203 7.76 39.17 -12.29
N GLU B 204 8.99 39.65 -12.36
CA GLU B 204 9.55 40.00 -13.65
C GLU B 204 9.62 38.72 -14.46
N LEU B 205 10.30 37.74 -13.89
CA LEU B 205 10.42 36.44 -14.53
C LEU B 205 9.01 35.93 -14.80
N ARG B 206 8.17 35.93 -13.77
CA ARG B 206 6.81 35.50 -13.86
C ARG B 206 6.18 36.03 -15.12
N GLN B 207 6.37 37.34 -15.32
CA GLN B 207 5.82 38.04 -16.48
C GLN B 207 6.55 37.64 -17.72
N HIS B 208 7.86 37.50 -17.60
CA HIS B 208 8.69 37.13 -18.74
C HIS B 208 8.26 35.78 -19.30
N LEU B 209 8.17 34.81 -18.41
CA LEU B 209 7.75 33.48 -18.78
C LEU B 209 6.33 33.48 -19.29
N LEU B 210 5.47 34.26 -18.66
CA LEU B 210 4.09 34.28 -19.03
C LEU B 210 3.90 34.70 -20.47
N ARG B 211 4.77 35.54 -20.98
CA ARG B 211 4.60 36.05 -22.32
C ARG B 211 5.27 35.06 -23.24
N TRP B 212 6.54 34.83 -22.95
CA TRP B 212 7.39 34.07 -23.79
C TRP B 212 6.98 32.63 -23.75
N GLY B 213 6.02 32.28 -24.59
CA GLY B 213 5.60 30.90 -24.67
C GLY B 213 4.37 30.57 -23.87
N LEU B 214 3.81 31.56 -23.24
CA LEU B 214 2.61 31.38 -22.40
C LEU B 214 2.87 30.28 -21.41
N THR B 215 4.15 30.00 -21.20
CA THR B 215 4.48 29.00 -20.22
C THR B 215 3.78 29.65 -19.04
N THR B 216 2.57 29.18 -18.77
CA THR B 216 1.74 29.68 -17.73
C THR B 216 2.12 29.09 -16.36
N PRO B 217 2.69 29.92 -15.48
CA PRO B 217 3.04 29.45 -14.15
C PRO B 217 1.85 29.85 -13.27
N ASP B 218 1.58 29.07 -12.25
CA ASP B 218 0.50 29.36 -11.32
C ASP B 218 1.07 30.15 -10.16
N LYS B 219 0.83 31.45 -10.19
CA LYS B 219 1.28 32.33 -9.14
C LYS B 219 0.01 32.60 -8.38
N LYS B 220 0.18 33.30 -7.28
CA LYS B 220 -0.95 33.67 -6.46
C LYS B 220 -0.46 34.92 -5.78
N HIS B 221 -1.03 36.08 -6.14
CA HIS B 221 -0.57 37.27 -5.44
C HIS B 221 -1.26 36.87 -4.15
N GLY B 231 3.70 33.01 -3.22
CA GLY B 231 3.94 32.08 -4.33
C GLY B 231 5.15 31.17 -4.03
N TYR B 232 5.18 30.74 -2.77
CA TYR B 232 6.17 29.84 -2.14
C TYR B 232 7.57 30.29 -1.71
N GLU B 233 7.68 31.29 -0.84
CA GLU B 233 9.00 31.73 -0.37
C GLU B 233 9.73 30.68 0.44
N LEU B 234 11.04 30.53 0.19
CA LEU B 234 11.95 29.61 0.87
C LEU B 234 13.23 30.35 1.23
N HIS B 235 13.82 30.06 2.38
CA HIS B 235 15.05 30.77 2.77
C HIS B 235 16.06 29.69 3.13
N PRO B 236 16.88 29.26 2.13
CA PRO B 236 17.91 28.21 2.28
C PRO B 236 18.88 28.40 3.43
N ASP B 237 19.48 29.57 3.47
CA ASP B 237 20.46 29.96 4.47
C ASP B 237 19.97 29.73 5.89
N LYS B 238 18.76 30.22 6.17
CA LYS B 238 18.17 30.10 7.49
C LYS B 238 18.29 28.68 8.05
N TRP B 239 18.20 27.68 7.18
CA TRP B 239 18.30 26.27 7.62
C TRP B 239 19.70 25.98 8.19
N THR B 240 19.81 25.98 9.53
CA THR B 240 21.08 25.77 10.25
C THR B 240 20.87 25.22 11.67
N VAL B 241 19.99 24.23 11.79
CA VAL B 241 19.58 23.66 13.09
C VAL B 241 20.51 22.70 13.82
N GLN B 242 21.82 22.76 13.72
CA GLN B 242 22.69 21.65 14.21
C GLN B 242 22.90 21.22 15.69
N PRO B 243 22.86 22.01 16.75
CA PRO B 243 23.15 21.46 18.10
C PRO B 243 22.33 20.25 18.55
N ILE B 244 22.84 19.56 19.60
CA ILE B 244 22.22 18.40 20.21
C ILE B 244 22.39 18.63 21.71
N VAL B 245 21.71 19.65 22.22
CA VAL B 245 21.83 20.04 23.62
C VAL B 245 21.62 18.93 24.64
N LEU B 246 22.53 18.89 25.62
CA LEU B 246 22.44 17.92 26.71
C LEU B 246 21.79 18.74 27.81
N PRO B 247 20.88 18.13 28.57
CA PRO B 247 20.29 18.97 29.63
C PRO B 247 21.41 19.31 30.59
N GLU B 248 21.71 20.60 30.77
CA GLU B 248 22.77 20.95 31.70
C GLU B 248 22.14 21.61 32.93
N LYS B 249 21.83 20.78 33.91
CA LYS B 249 21.22 21.26 35.12
C LYS B 249 22.24 21.63 36.18
N ASP B 250 21.78 21.52 37.41
CA ASP B 250 22.54 21.81 38.60
C ASP B 250 22.40 20.63 39.54
N SER B 251 21.15 20.15 39.70
CA SER B 251 20.87 19.00 40.56
C SER B 251 20.67 17.74 39.72
N TRP B 252 21.50 16.73 39.96
CA TRP B 252 21.45 15.47 39.24
C TRP B 252 21.26 14.26 40.14
N THR B 253 20.25 13.44 39.84
CA THR B 253 20.00 12.23 40.60
C THR B 253 20.65 11.09 39.83
N VAL B 254 20.87 9.96 40.52
CA VAL B 254 21.48 8.78 39.90
C VAL B 254 20.74 8.54 38.61
N ASN B 255 19.41 8.60 38.70
CA ASN B 255 18.56 8.40 37.55
C ASN B 255 18.90 9.30 36.38
N ASP B 256 19.16 10.57 36.67
CA ASP B 256 19.45 11.53 35.61
C ASP B 256 20.84 11.40 35.03
N ILE B 257 21.73 10.81 35.81
CA ILE B 257 23.08 10.57 35.35
C ILE B 257 23.06 9.40 34.38
N GLN B 258 22.30 8.35 34.73
CA GLN B 258 22.17 7.17 33.87
C GLN B 258 21.55 7.60 32.53
N LYS B 259 20.44 8.33 32.60
CA LYS B 259 19.76 8.83 31.40
C LYS B 259 20.72 9.63 30.54
N LEU B 260 21.69 10.26 31.20
CA LEU B 260 22.68 11.09 30.55
C LEU B 260 23.81 10.30 29.91
N VAL B 261 24.35 9.32 30.64
CA VAL B 261 25.43 8.46 30.15
C VAL B 261 24.99 7.72 28.89
N GLY B 262 23.89 6.99 29.01
CA GLY B 262 23.35 6.29 27.88
C GLY B 262 23.15 7.28 26.74
N LYS B 263 22.31 8.28 26.99
CA LYS B 263 22.05 9.32 26.00
C LYS B 263 23.38 9.92 25.53
N LEU B 264 24.44 9.72 26.31
CA LEU B 264 25.78 10.23 26.02
C LEU B 264 26.62 9.19 25.33
N ASN B 265 26.31 7.93 25.60
CA ASN B 265 27.02 6.77 25.05
C ASN B 265 26.53 6.55 23.63
N TRP B 266 25.22 6.54 23.43
CA TRP B 266 24.68 6.34 22.09
C TRP B 266 25.38 7.34 21.21
N ALA B 267 25.57 8.50 21.81
CA ALA B 267 26.18 9.65 21.15
C ALA B 267 27.49 9.37 20.43
N SER B 268 28.43 8.78 21.17
CA SER B 268 29.78 8.46 20.72
C SER B 268 29.85 7.61 19.46
N GLN B 269 28.70 7.03 19.08
CA GLN B 269 28.63 6.21 17.89
C GLN B 269 28.80 7.10 16.66
N ILE B 270 28.93 8.40 16.91
CA ILE B 270 29.12 9.39 15.84
C ILE B 270 30.39 10.18 16.15
N TYR B 271 30.31 11.00 17.19
CA TYR B 271 31.45 11.79 17.61
C TYR B 271 32.48 10.88 18.29
N PRO B 272 33.71 10.86 17.73
CA PRO B 272 34.86 10.07 18.17
C PRO B 272 35.41 10.33 19.58
N GLY B 273 35.52 11.59 19.97
CA GLY B 273 36.08 11.93 21.27
C GLY B 273 35.15 12.01 22.46
N ILE B 274 33.93 11.49 22.31
CA ILE B 274 32.96 11.50 23.42
C ILE B 274 33.42 10.52 24.50
N LYS B 275 33.84 11.07 25.64
CA LYS B 275 34.33 10.25 26.75
C LYS B 275 33.42 10.26 27.97
N VAL B 276 32.74 9.13 28.20
CA VAL B 276 31.81 9.00 29.31
C VAL B 276 32.39 8.21 30.48
N ARG B 277 33.52 8.59 31.04
CA ARG B 277 34.02 7.72 32.11
C ARG B 277 33.75 8.15 33.53
N GLN B 278 34.32 9.30 33.89
CA GLN B 278 34.19 9.84 35.23
C GLN B 278 32.75 10.20 35.55
N LEU B 279 31.86 9.86 34.60
CA LEU B 279 30.45 10.08 34.77
C LEU B 279 29.91 8.81 35.39
N SER B 280 30.44 7.68 34.94
CA SER B 280 30.07 6.37 35.48
C SER B 280 30.60 6.36 36.92
N LYS B 281 31.38 7.39 37.25
CA LYS B 281 31.98 7.56 38.57
C LYS B 281 30.91 7.75 39.63
N LEU B 282 29.88 8.51 39.32
CA LEU B 282 28.81 8.72 40.29
C LEU B 282 27.80 7.59 40.24
N LEU B 283 27.81 6.85 39.14
CA LEU B 283 26.90 5.73 38.97
C LEU B 283 27.43 4.50 39.68
N ARG B 284 28.47 4.72 40.50
CA ARG B 284 29.10 3.67 41.29
C ARG B 284 28.28 3.39 42.54
N GLY B 285 28.01 2.10 42.78
CA GLY B 285 27.23 1.67 43.92
C GLY B 285 25.74 1.54 43.65
N THR B 286 25.19 0.42 44.10
CA THR B 286 23.78 0.14 43.94
C THR B 286 23.04 1.16 44.81
N LYS B 287 22.60 2.23 44.17
CA LYS B 287 21.89 3.32 44.85
C LYS B 287 20.42 3.42 44.42
N ALA B 288 19.64 4.16 45.20
CA ALA B 288 18.22 4.36 44.85
C ALA B 288 18.29 5.24 43.62
N LEU B 289 17.20 5.31 42.87
CA LEU B 289 17.22 6.14 41.65
C LEU B 289 16.99 7.61 41.96
N THR B 290 16.27 7.86 43.05
CA THR B 290 15.94 9.22 43.48
C THR B 290 16.96 9.67 44.49
N GLU B 291 18.23 9.64 44.11
CA GLU B 291 19.32 10.04 45.00
C GLU B 291 20.20 11.05 44.31
N VAL B 292 20.10 12.29 44.77
CA VAL B 292 20.89 13.39 44.20
C VAL B 292 22.36 13.19 44.50
N ILE B 293 23.17 13.24 43.44
CA ILE B 293 24.62 13.11 43.62
C ILE B 293 25.27 14.31 42.94
N PRO B 294 25.65 15.35 43.72
CA PRO B 294 26.30 16.55 43.19
C PRO B 294 27.50 16.19 42.32
N LEU B 295 27.56 16.80 41.15
CA LEU B 295 28.63 16.53 40.19
C LEU B 295 30.02 16.72 40.77
N THR B 296 30.89 15.77 40.47
CA THR B 296 32.23 15.83 40.99
C THR B 296 33.12 16.88 40.32
N GLU B 297 34.31 17.02 40.89
CA GLU B 297 35.30 17.96 40.43
C GLU B 297 35.98 17.50 39.16
N GLU B 298 36.41 16.23 39.11
CA GLU B 298 37.05 15.74 37.90
C GLU B 298 35.95 15.50 36.87
N ALA B 299 34.70 15.55 37.36
CA ALA B 299 33.46 15.19 36.61
C ALA B 299 32.93 16.12 35.50
N GLU B 300 32.52 17.33 35.84
CA GLU B 300 31.98 18.23 34.82
C GLU B 300 32.94 18.54 33.69
N LEU B 301 34.12 17.94 33.71
CA LEU B 301 35.09 18.10 32.62
C LEU B 301 34.25 17.64 31.44
N GLU B 302 33.84 16.38 31.54
CA GLU B 302 33.02 15.70 30.56
C GLU B 302 31.74 16.44 30.30
N LEU B 303 31.20 17.06 31.33
CA LEU B 303 29.99 17.82 31.13
C LEU B 303 30.21 18.74 29.92
N ALA B 304 31.08 19.72 30.06
CA ALA B 304 31.35 20.65 28.99
C ALA B 304 32.40 20.21 27.98
N GLU B 305 33.41 19.46 28.40
CA GLU B 305 34.45 19.02 27.46
C GLU B 305 33.79 18.23 26.33
N ASN B 306 32.70 17.56 26.67
CA ASN B 306 31.98 16.79 25.66
C ASN B 306 30.92 17.66 25.02
N ARG B 307 30.27 18.52 25.82
CA ARG B 307 29.25 19.43 25.27
C ARG B 307 29.85 20.23 24.13
N GLU B 308 31.18 20.32 24.12
CA GLU B 308 31.96 21.04 23.11
C GLU B 308 32.05 20.26 21.81
N ILE B 309 32.44 19.00 21.91
CA ILE B 309 32.53 18.16 20.72
C ILE B 309 31.12 18.11 20.15
N LEU B 310 30.17 18.51 20.97
CA LEU B 310 28.76 18.51 20.62
C LEU B 310 28.24 19.91 20.30
N LYS B 311 29.17 20.87 20.27
CA LYS B 311 28.85 22.25 19.91
C LYS B 311 29.27 22.40 18.45
N GLU B 312 30.43 21.82 18.13
CA GLU B 312 30.98 21.81 16.77
C GLU B 312 30.65 20.45 16.18
N PRO B 313 29.92 20.45 15.07
CA PRO B 313 29.46 19.27 14.33
C PRO B 313 30.47 18.35 13.66
N VAL B 314 29.91 17.34 13.03
CA VAL B 314 30.62 16.29 12.31
C VAL B 314 31.74 16.70 11.35
N HIS B 315 32.90 16.06 11.52
CA HIS B 315 34.08 16.33 10.70
C HIS B 315 34.49 15.12 9.86
N GLY B 316 34.08 15.11 8.60
CA GLY B 316 34.44 14.01 7.71
C GLY B 316 33.21 13.41 7.06
N VAL B 317 32.15 14.21 6.94
CA VAL B 317 30.90 13.76 6.33
C VAL B 317 30.73 14.41 4.96
N TYR B 318 30.95 13.64 3.90
CA TYR B 318 30.89 14.14 2.51
C TYR B 318 29.93 13.41 1.59
N TYR B 319 28.92 14.11 1.10
CA TYR B 319 27.90 13.53 0.22
C TYR B 319 28.50 12.68 -0.92
N ASP B 320 27.76 11.65 -1.34
CA ASP B 320 28.18 10.76 -2.43
C ASP B 320 27.05 10.69 -3.45
N PRO B 321 27.34 10.98 -4.72
CA PRO B 321 26.34 10.95 -5.79
C PRO B 321 26.03 9.58 -6.37
N SER B 322 26.77 8.55 -5.99
CA SER B 322 26.53 7.21 -6.50
C SER B 322 25.59 6.50 -5.52
N LYS B 323 25.60 6.93 -4.27
CA LYS B 323 24.76 6.35 -3.24
C LYS B 323 23.60 7.30 -3.05
N ASP B 324 22.39 6.79 -2.87
CA ASP B 324 21.24 7.68 -2.67
C ASP B 324 21.04 8.11 -1.21
N LEU B 325 20.16 9.11 -1.02
CA LEU B 325 19.86 9.69 0.28
C LEU B 325 18.72 9.06 1.11
N ILE B 326 18.98 8.85 2.38
CA ILE B 326 18.00 8.28 3.30
C ILE B 326 17.51 9.39 4.24
N ALA B 327 16.21 9.41 4.50
CA ALA B 327 15.63 10.41 5.40
C ALA B 327 14.81 9.73 6.48
N GLU B 328 15.20 9.88 7.74
CA GLU B 328 14.44 9.27 8.81
C GLU B 328 13.72 10.32 9.63
N ILE B 329 12.46 10.06 9.97
CA ILE B 329 11.66 10.99 10.74
C ILE B 329 11.16 10.29 11.97
N GLN B 330 11.15 10.98 13.10
CA GLN B 330 10.60 10.36 14.33
C GLN B 330 9.53 11.25 14.96
N LYS B 331 8.38 10.66 15.31
CA LYS B 331 7.33 11.45 15.92
C LYS B 331 7.94 11.83 17.24
N GLN B 332 7.90 13.13 17.53
CA GLN B 332 8.50 13.66 18.74
C GLN B 332 7.45 14.08 19.77
N GLY B 333 6.20 14.17 19.34
CA GLY B 333 5.15 14.56 20.26
C GLY B 333 4.86 16.04 20.23
N GLN B 334 3.58 16.34 20.17
CA GLN B 334 3.09 17.71 20.14
C GLN B 334 3.37 18.46 18.84
N GLY B 335 3.28 17.78 17.70
CA GLY B 335 3.54 18.45 16.44
C GLY B 335 5.03 18.57 16.29
N GLN B 336 5.73 17.91 17.21
CA GLN B 336 7.18 17.88 17.22
C GLN B 336 7.65 16.69 16.40
N TRP B 337 8.46 16.97 15.38
CA TRP B 337 8.97 15.91 14.52
C TRP B 337 10.40 16.20 14.16
N THR B 338 11.32 15.30 14.53
CA THR B 338 12.73 15.49 14.22
C THR B 338 13.07 14.63 13.03
N TYR B 339 14.22 14.85 12.43
CA TYR B 339 14.63 14.07 11.26
C TYR B 339 16.11 14.25 10.92
N GLN B 340 16.69 13.24 10.27
CA GLN B 340 18.08 13.28 9.86
C GLN B 340 18.21 12.80 8.43
N ILE B 341 19.04 13.46 7.61
CA ILE B 341 19.30 13.04 6.24
C ILE B 341 20.74 12.49 6.20
N TYR B 342 20.95 11.34 5.57
CA TYR B 342 22.30 10.76 5.55
C TYR B 342 22.47 9.66 4.52
N GLN B 343 23.60 8.96 4.62
CA GLN B 343 23.90 7.87 3.72
C GLN B 343 24.56 6.75 4.50
N GLU B 344 25.61 7.07 5.22
CA GLU B 344 26.28 6.04 6.01
C GLU B 344 25.78 6.20 7.42
N PRO B 345 25.01 5.24 7.92
CA PRO B 345 24.50 5.34 9.29
C PRO B 345 25.44 6.01 10.28
N PHE B 346 24.95 7.11 10.88
CA PHE B 346 25.65 7.93 11.88
C PHE B 346 26.54 8.99 11.22
N LYS B 347 26.19 9.40 10.01
CA LYS B 347 26.95 10.42 9.31
C LYS B 347 25.91 11.24 8.59
N ASN B 348 25.35 12.20 9.32
CA ASN B 348 24.30 13.04 8.75
C ASN B 348 24.78 14.16 7.84
N LEU B 349 23.92 14.53 6.92
CA LEU B 349 24.20 15.61 6.00
C LEU B 349 23.38 16.79 6.54
N LYS B 350 22.26 16.48 7.18
CA LYS B 350 21.44 17.51 7.81
C LYS B 350 20.54 16.91 8.90
N THR B 351 20.10 17.74 9.85
CA THR B 351 19.18 17.30 10.89
C THR B 351 18.24 18.47 11.16
N GLY B 352 17.04 18.20 11.66
CA GLY B 352 16.11 19.29 11.93
C GLY B 352 14.86 18.95 12.69
N LYS B 353 13.87 19.83 12.58
CA LYS B 353 12.59 19.66 13.26
C LYS B 353 11.47 20.27 12.45
N TYR B 354 10.32 19.61 12.42
CA TYR B 354 9.16 20.14 11.72
C TYR B 354 8.20 20.57 12.83
N ALA B 355 7.22 21.40 12.49
CA ALA B 355 6.28 21.89 13.50
C ALA B 355 4.83 22.17 13.07
N ARG B 356 3.87 21.83 13.93
CA ARG B 356 2.45 22.10 13.72
C ARG B 356 2.34 23.49 14.35
N MET B 357 1.87 24.47 13.60
CA MET B 357 1.85 25.81 14.20
C MET B 357 0.54 26.60 14.12
N ARG B 358 -0.09 26.55 12.96
CA ARG B 358 -1.33 27.28 12.71
C ARG B 358 -2.42 26.37 12.13
N GLY B 359 -2.77 25.33 12.88
CA GLY B 359 -3.79 24.39 12.45
C GLY B 359 -4.26 23.61 13.65
N ALA B 360 -5.56 23.70 13.94
CA ALA B 360 -6.13 22.98 15.10
C ALA B 360 -6.82 21.74 14.58
N HIS B 361 -6.59 21.44 13.31
CA HIS B 361 -7.15 20.27 12.61
C HIS B 361 -5.98 19.39 12.16
N THR B 362 -4.78 19.79 12.55
CA THR B 362 -3.56 19.09 12.17
C THR B 362 -3.37 17.81 12.98
N ASN B 363 -3.41 16.67 12.29
CA ASN B 363 -3.23 15.34 12.89
C ASN B 363 -1.90 14.73 12.44
N ASP B 364 -1.50 13.61 13.05
CA ASP B 364 -0.24 12.98 12.68
C ASP B 364 0.01 12.92 11.18
N VAL B 365 -0.75 12.08 10.49
CA VAL B 365 -0.63 11.95 9.06
C VAL B 365 -0.37 13.28 8.36
N LYS B 366 -1.27 14.25 8.55
CA LYS B 366 -1.15 15.58 7.90
C LYS B 366 0.24 16.13 8.11
N GLN B 367 0.67 16.12 9.36
CA GLN B 367 1.99 16.61 9.70
C GLN B 367 3.03 15.89 8.87
N LEU B 368 3.15 14.59 9.10
CA LEU B 368 4.11 13.76 8.35
C LEU B 368 4.10 14.08 6.86
N THR B 369 2.92 14.16 6.26
CA THR B 369 2.86 14.46 4.86
C THR B 369 3.55 15.80 4.60
N GLU B 370 3.37 16.78 5.49
CA GLU B 370 4.03 18.07 5.29
C GLU B 370 5.49 17.97 5.70
N ALA B 371 5.73 17.41 6.88
CA ALA B 371 7.12 17.26 7.31
C ALA B 371 7.95 16.59 6.19
N VAL B 372 7.33 15.68 5.45
CA VAL B 372 8.04 15.03 4.40
C VAL B 372 8.28 15.99 3.22
N GLN B 373 7.22 16.54 2.67
CA GLN B 373 7.38 17.45 1.54
C GLN B 373 8.42 18.50 1.90
N LYS B 374 8.43 18.91 3.16
CA LYS B 374 9.40 19.88 3.61
C LYS B 374 10.80 19.30 3.33
N ILE B 375 11.11 18.18 4.02
CA ILE B 375 12.41 17.51 3.87
C ILE B 375 12.76 17.20 2.41
N THR B 376 11.75 16.95 1.60
CA THR B 376 12.00 16.66 0.20
C THR B 376 12.45 17.89 -0.58
N THR B 377 11.85 19.05 -0.30
CA THR B 377 12.25 20.24 -1.03
C THR B 377 13.63 20.66 -0.57
N GLU B 378 13.89 20.49 0.73
CA GLU B 378 15.20 20.84 1.26
C GLU B 378 16.30 20.16 0.44
N SER B 379 16.15 18.85 0.23
CA SER B 379 17.11 18.05 -0.54
C SER B 379 17.12 18.51 -1.98
N ILE B 380 15.94 18.59 -2.58
CA ILE B 380 15.83 19.02 -3.95
C ILE B 380 16.61 20.29 -4.18
N VAL B 381 16.79 21.04 -3.10
CA VAL B 381 17.50 22.30 -3.20
C VAL B 381 18.98 22.09 -2.93
N ILE B 382 19.29 21.60 -1.75
CA ILE B 382 20.64 21.33 -1.33
C ILE B 382 21.36 20.34 -2.22
N TRP B 383 20.66 19.29 -2.70
CA TRP B 383 21.27 18.25 -3.51
C TRP B 383 20.69 17.97 -4.89
N GLY B 384 19.59 18.62 -5.26
CA GLY B 384 19.00 18.33 -6.57
C GLY B 384 18.40 16.92 -6.73
N LYS B 385 18.37 16.15 -5.65
CA LYS B 385 17.80 14.82 -5.68
C LYS B 385 16.95 14.59 -4.43
N THR B 386 15.90 13.80 -4.63
CA THR B 386 14.94 13.46 -3.59
C THR B 386 15.36 12.24 -2.78
N PRO B 387 15.36 12.36 -1.45
CA PRO B 387 15.74 11.23 -0.58
C PRO B 387 14.69 10.12 -0.54
N LYS B 388 15.03 9.03 0.13
CA LYS B 388 14.13 7.89 0.28
C LYS B 388 13.76 7.93 1.74
N PHE B 389 12.46 8.07 2.02
CA PHE B 389 12.04 8.12 3.43
C PHE B 389 11.76 6.81 4.14
N LYS B 390 12.14 6.73 5.41
CA LYS B 390 11.85 5.61 6.26
C LYS B 390 10.77 6.14 7.23
N LEU B 391 9.55 6.32 6.71
CA LEU B 391 8.38 6.82 7.47
C LEU B 391 7.91 6.00 8.68
N PRO B 392 7.92 6.58 9.90
CA PRO B 392 7.47 5.86 11.10
C PRO B 392 5.94 5.92 11.18
N ILE B 393 5.26 5.18 10.28
CA ILE B 393 3.82 5.15 10.21
C ILE B 393 3.48 3.79 9.64
N GLN B 394 2.19 3.40 9.69
CA GLN B 394 1.77 2.11 9.11
C GLN B 394 1.62 2.16 7.57
N LYS B 395 2.21 1.18 6.90
CA LYS B 395 2.18 1.12 5.46
C LYS B 395 0.77 1.26 4.88
N GLU B 396 -0.20 0.62 5.53
CA GLU B 396 -1.56 0.65 5.02
C GLU B 396 -2.21 2.00 5.20
N THR B 397 -2.08 2.54 6.41
CA THR B 397 -2.65 3.87 6.72
C THR B 397 -2.06 4.96 5.82
N TRP B 398 -0.74 4.94 5.65
CA TRP B 398 -0.12 5.94 4.81
C TRP B 398 -0.65 5.85 3.39
N GLU B 399 -0.55 4.67 2.79
CA GLU B 399 -1.00 4.51 1.42
C GLU B 399 -2.45 4.86 1.20
N THR B 400 -3.11 5.31 2.25
CA THR B 400 -4.50 5.69 2.15
C THR B 400 -4.74 7.16 2.23
N TRP B 401 -4.12 7.79 3.23
CA TRP B 401 -4.34 9.20 3.49
C TRP B 401 -3.44 10.31 2.94
N TRP B 402 -2.15 10.05 2.77
CA TRP B 402 -1.24 11.06 2.27
C TRP B 402 -1.77 11.89 1.12
N THR B 403 -2.38 11.28 0.11
CA THR B 403 -2.85 12.05 -1.03
C THR B 403 -3.91 13.02 -0.60
N GLU B 404 -4.23 13.00 0.69
CA GLU B 404 -5.24 13.91 1.26
C GLU B 404 -4.57 15.30 1.37
N TYR B 405 -3.65 15.42 2.33
CA TYR B 405 -2.93 16.66 2.59
C TYR B 405 -1.70 16.85 1.69
N TRP B 406 -1.34 15.82 0.95
CA TRP B 406 -0.20 15.94 0.06
C TRP B 406 -0.57 16.87 -1.08
N GLN B 407 0.35 17.76 -1.44
CA GLN B 407 0.09 18.67 -2.56
C GLN B 407 1.36 19.14 -3.26
N ALA B 408 2.22 18.20 -3.62
CA ALA B 408 3.47 18.50 -4.29
C ALA B 408 3.27 17.99 -5.70
N THR B 409 4.26 18.15 -6.56
CA THR B 409 4.04 17.68 -7.92
C THR B 409 4.82 16.40 -8.12
N TRP B 410 5.66 16.03 -7.17
CA TRP B 410 6.46 14.82 -7.29
C TRP B 410 6.29 13.85 -6.10
N ILE B 411 6.77 12.63 -6.24
CA ILE B 411 6.61 11.68 -5.16
C ILE B 411 7.90 10.95 -4.87
N PRO B 412 8.45 11.14 -3.66
CA PRO B 412 9.70 10.43 -3.37
C PRO B 412 9.53 8.93 -3.06
N GLU B 413 10.66 8.25 -2.84
CA GLU B 413 10.67 6.84 -2.49
C GLU B 413 10.44 6.75 -0.98
N TRP B 414 9.59 5.82 -0.55
CA TRP B 414 9.37 5.67 0.89
C TRP B 414 9.18 4.21 1.28
N GLU B 415 9.52 3.94 2.55
CA GLU B 415 9.37 2.59 3.08
C GLU B 415 8.80 2.81 4.47
N PHE B 416 8.58 1.75 5.24
CA PHE B 416 7.95 1.98 6.54
C PHE B 416 8.74 1.35 7.67
N VAL B 417 8.75 2.01 8.84
CA VAL B 417 9.52 1.54 9.99
C VAL B 417 8.80 1.51 11.31
N ASN B 418 9.35 0.74 12.26
CA ASN B 418 8.84 0.63 13.64
C ASN B 418 10.05 0.79 14.58
N THR B 419 10.36 2.07 14.79
CA THR B 419 11.49 2.59 15.56
C THR B 419 12.05 2.06 16.87
N PRO B 420 13.40 1.95 16.93
CA PRO B 420 14.14 1.52 18.11
C PRO B 420 14.10 2.86 18.84
N PRO B 421 13.45 2.88 20.01
CA PRO B 421 13.37 4.08 20.78
C PRO B 421 14.67 4.68 21.28
N LEU B 422 15.42 5.39 20.45
CA LEU B 422 16.55 6.08 21.03
C LEU B 422 15.56 6.94 21.84
N VAL B 423 15.85 7.46 23.02
CA VAL B 423 14.76 8.26 23.57
C VAL B 423 14.76 9.50 22.69
N LYS B 424 15.13 9.27 21.44
CA LYS B 424 15.30 10.25 20.42
C LYS B 424 16.28 11.19 21.07
N LEU B 425 17.53 10.71 21.15
CA LEU B 425 18.59 11.50 21.73
C LEU B 425 18.85 12.66 20.80
N TRP B 426 17.75 13.22 20.29
CA TRP B 426 17.74 14.35 19.38
C TRP B 426 17.01 15.56 19.96
N TYR B 427 15.90 15.33 20.65
CA TYR B 427 15.13 16.47 21.15
C TYR B 427 15.85 17.29 22.22
N GLN B 428 15.49 18.57 22.27
CA GLN B 428 16.09 19.51 23.22
C GLN B 428 15.26 19.85 24.46
N LEU B 429 13.98 20.18 24.26
CA LEU B 429 13.07 20.51 25.36
C LEU B 429 13.02 19.41 26.43
#